data_6HQE
#
_entry.id   6HQE
#
_entity_poly.entity_id   1
_entity_poly.type   'polypeptide(L)'
_entity_poly.pdbx_seq_one_letter_code
;PEALERLAADPDREVRAAVARRL
;
_entity_poly.pdbx_strand_id   A,B,C,D,E,F,G,H,I,J,K,L,M,N,O,P,Q,R,S,T,U,V,W,X,Y,Z,a,b,c,d,e,f,g,h,i,j,k,l,m,n,o,p,q,r,s,t,u,v,w,x,y,z
#
# COMPACT_ATOMS: atom_id res chain seq x y z
N PRO A 1 23.43 15.71 18.79
CA PRO A 1 24.84 15.74 19.13
C PRO A 1 25.73 16.01 17.92
N GLU A 2 27.00 15.65 18.06
CA GLU A 2 27.94 15.74 16.96
C GLU A 2 28.01 14.46 16.14
N ALA A 3 27.37 13.38 16.61
CA ALA A 3 27.45 12.08 15.96
C ALA A 3 26.86 12.13 14.56
N LEU A 4 25.86 12.99 14.36
CA LEU A 4 25.29 13.24 13.04
C LEU A 4 26.37 13.65 12.03
N GLU A 5 27.31 14.49 12.45
CA GLU A 5 28.37 14.87 11.53
C GLU A 5 29.30 13.70 11.24
N ARG A 6 29.46 12.79 12.19
CA ARG A 6 30.19 11.57 11.85
C ARG A 6 29.35 10.69 10.93
N LEU A 7 28.03 10.82 10.98
CA LEU A 7 27.22 10.18 9.96
C LEU A 7 27.11 11.03 8.71
N ALA A 8 27.66 12.24 8.72
CA ALA A 8 27.70 13.01 7.49
C ALA A 8 28.76 12.48 6.53
N ALA A 9 29.87 11.98 7.06
CA ALA A 9 30.96 11.49 6.23
C ALA A 9 31.07 9.97 6.27
N ASP A 10 30.02 9.28 6.69
CA ASP A 10 29.96 7.83 6.55
C ASP A 10 29.99 7.51 5.07
N PRO A 11 30.87 6.61 4.62
CA PRO A 11 30.96 6.33 3.18
C PRO A 11 29.79 5.59 2.57
N ASP A 12 28.67 5.45 3.24
CA ASP A 12 27.55 4.71 2.71
C ASP A 12 26.52 5.64 2.09
N ARG A 13 25.79 5.11 1.12
CA ARG A 13 24.73 5.88 0.47
C ARG A 13 23.54 6.07 1.38
N GLU A 14 22.95 4.96 1.82
CA GLU A 14 21.66 4.99 2.51
C GLU A 14 21.77 5.70 3.85
N VAL A 15 22.95 5.61 4.47
CA VAL A 15 23.22 6.36 5.69
C VAL A 15 23.09 7.84 5.45
N ARG A 16 23.81 8.37 4.47
CA ARG A 16 23.77 9.79 4.23
C ARG A 16 22.43 10.23 3.67
N ALA A 17 21.69 9.32 3.01
CA ALA A 17 20.36 9.65 2.55
C ALA A 17 19.40 9.84 3.72
N ALA A 18 19.46 8.95 4.71
CA ALA A 18 18.65 9.18 5.90
C ALA A 18 19.16 10.35 6.71
N VAL A 19 20.47 10.63 6.64
CA VAL A 19 21.02 11.83 7.26
C VAL A 19 20.38 13.07 6.67
N ALA A 20 20.37 13.19 5.36
CA ALA A 20 19.74 14.32 4.71
C ALA A 20 18.23 14.31 4.88
N ARG A 21 17.63 13.15 5.12
CA ARG A 21 16.25 13.17 5.57
C ARG A 21 16.10 13.85 6.91
N ARG A 22 17.03 13.65 7.84
CA ARG A 22 16.96 14.35 9.12
C ARG A 22 17.94 15.49 9.28
N LEU A 23 18.60 15.93 8.21
CA LEU A 23 19.66 16.95 8.24
C LEU A 23 20.81 16.65 9.20
N PRO B 1 21.60 6.59 25.92
CA PRO B 1 22.90 6.21 26.47
C PRO B 1 24.03 6.42 25.48
N GLU B 2 25.13 5.71 25.73
CA GLU B 2 26.26 5.72 24.82
C GLU B 2 26.20 4.60 23.80
N ALA B 3 25.25 3.68 23.95
CA ALA B 3 25.14 2.52 23.08
C ALA B 3 24.85 2.91 21.64
N LEU B 4 24.14 4.03 21.46
CA LEU B 4 23.91 4.60 20.15
C LEU B 4 25.22 4.87 19.41
N GLU B 5 26.23 5.36 20.11
CA GLU B 5 27.51 5.59 19.45
C GLU B 5 28.19 4.28 19.09
N ARG B 6 27.95 3.21 19.86
CA ARG B 6 28.42 1.92 19.40
C ARG B 6 27.61 1.43 18.22
N LEU B 7 26.36 1.89 18.09
CA LEU B 7 25.64 1.65 16.86
C LEU B 7 25.96 2.68 15.80
N ALA B 8 26.76 3.69 16.12
CA ALA B 8 27.22 4.59 15.08
C ALA B 8 28.29 3.94 14.21
N ALA B 9 29.14 3.11 14.79
CA ALA B 9 30.22 2.47 14.05
C ALA B 9 29.97 0.99 13.82
N ASP B 10 28.73 0.55 13.93
CA ASP B 10 28.36 -0.79 13.52
C ASP B 10 28.60 -0.89 12.02
N PRO B 11 29.30 -1.92 11.53
CA PRO B 11 29.61 -2.00 10.11
C PRO B 11 28.44 -2.31 9.19
N ASP B 12 27.21 -2.25 9.65
CA ASP B 12 26.08 -2.58 8.83
C ASP B 12 25.42 -1.34 8.26
N ARG B 13 24.79 -1.50 7.10
CA ARG B 13 24.09 -0.40 6.46
C ARG B 13 22.81 -0.04 7.20
N GLU B 14 21.91 -1.02 7.33
CA GLU B 14 20.56 -0.75 7.81
C GLU B 14 20.57 -0.31 9.26
N VAL B 15 21.56 -0.78 10.03
CA VAL B 15 21.75 -0.33 11.39
C VAL B 15 22.02 1.16 11.43
N ARG B 16 23.02 1.61 10.68
CA ARG B 16 23.35 3.02 10.71
C ARG B 16 22.27 3.87 10.06
N ALA B 17 21.50 3.29 9.14
CA ALA B 17 20.38 4.03 8.55
C ALA B 17 19.29 4.28 9.57
N ALA B 18 18.95 3.27 10.38
CA ALA B 18 18.00 3.53 11.45
C ALA B 18 18.61 4.39 12.55
N VAL B 19 19.94 4.34 12.72
CA VAL B 19 20.62 5.24 13.64
C VAL B 19 20.41 6.67 13.22
N ALA B 20 20.68 6.98 11.95
CA ALA B 20 20.47 8.33 11.44
C ALA B 20 18.99 8.69 11.39
N ARG B 21 18.10 7.70 11.31
CA ARG B 21 16.69 8.00 11.54
C ARG B 21 16.45 8.50 12.96
N ARG B 22 17.11 7.93 13.96
CA ARG B 22 16.97 8.42 15.32
C ARG B 22 18.14 9.22 15.85
N LEU B 23 19.07 9.64 14.99
CA LEU B 23 20.32 10.33 15.37
C LEU B 23 21.16 9.60 16.41
N PRO C 1 21.85 23.48 10.14
CA PRO C 1 23.24 23.92 10.16
C PRO C 1 23.80 24.13 8.77
N GLU C 2 25.13 24.11 8.68
CA GLU C 2 25.81 24.19 7.39
C GLU C 2 26.08 22.83 6.78
N ALA C 3 25.83 21.75 7.53
CA ALA C 3 26.14 20.41 7.07
C ALA C 3 25.33 20.03 5.85
N LEU C 4 24.10 20.59 5.74
CA LEU C 4 23.27 20.43 4.56
C LEU C 4 24.01 20.87 3.29
N GLU C 5 24.75 21.96 3.37
CA GLU C 5 25.49 22.39 2.19
C GLU C 5 26.64 21.45 1.88
N ARG C 6 27.21 20.80 2.90
CA ARG C 6 28.16 19.74 2.58
C ARG C 6 27.44 18.52 2.01
N LEU C 7 26.17 18.35 2.33
CA LEU C 7 25.39 17.36 1.61
C LEU C 7 24.84 17.90 0.31
N ALA C 8 25.03 19.19 0.02
CA ALA C 8 24.66 19.68 -1.29
C ALA C 8 25.64 19.22 -2.36
N ALA C 9 26.92 19.12 -2.03
CA ALA C 9 27.94 18.73 -2.99
C ALA C 9 28.45 17.31 -2.75
N ASP C 10 27.70 16.50 -2.02
CA ASP C 10 28.01 15.08 -1.93
C ASP C 10 27.87 14.49 -3.32
N PRO C 11 28.86 13.73 -3.81
CA PRO C 11 28.79 13.21 -5.18
C PRO C 11 27.76 12.11 -5.41
N ASP C 12 26.86 11.86 -4.48
CA ASP C 12 25.90 10.79 -4.64
C ASP C 12 24.56 11.31 -5.16
N ARG C 13 23.84 10.44 -5.86
CA ARG C 13 22.52 10.80 -6.37
C ARG C 13 21.51 10.88 -5.26
N GLU C 14 21.31 9.78 -4.53
CA GLU C 14 20.21 9.65 -3.60
C GLU C 14 20.36 10.61 -2.43
N VAL C 15 21.61 10.93 -2.08
CA VAL C 15 21.87 11.94 -1.07
C VAL C 15 21.31 13.28 -1.49
N ARG C 16 21.69 13.74 -2.67
CA ARG C 16 21.22 15.05 -3.11
C ARG C 16 19.74 15.04 -3.42
N ALA C 17 19.17 13.88 -3.75
CA ALA C 17 17.74 13.80 -3.96
C ALA C 17 16.98 13.98 -2.65
N ALA C 18 17.45 13.34 -1.58
CA ALA C 18 16.82 13.62 -0.29
C ALA C 18 17.14 15.01 0.21
N VAL C 19 18.29 15.57 -0.19
CA VAL C 19 18.59 16.96 0.12
C VAL C 19 17.56 17.88 -0.48
N ALA C 20 17.29 17.72 -1.78
CA ALA C 20 16.28 18.53 -2.43
C ALA C 20 14.88 18.21 -1.94
N ARG C 21 14.66 17.01 -1.40
CA ARG C 21 13.42 16.78 -0.67
C ARG C 21 13.33 17.68 0.55
N ARG C 22 14.43 17.88 1.29
CA ARG C 22 14.40 18.78 2.43
C ARG C 22 15.06 20.12 2.21
N LEU C 23 15.38 20.49 0.97
CA LEU C 23 16.12 21.71 0.61
C LEU C 23 17.45 21.88 1.32
N PRO D 1 15.83 -2.65 30.64
CA PRO D 1 16.86 -3.43 31.34
C PRO D 1 18.20 -3.37 30.63
N GLU D 2 19.05 -4.35 30.94
CA GLU D 2 20.33 -4.50 30.28
C GLU D 2 20.26 -5.40 29.06
N ALA D 3 19.12 -6.07 28.85
CA ALA D 3 18.97 -7.03 27.76
C ALA D 3 19.11 -6.36 26.40
N LEU D 4 18.70 -5.08 26.32
CA LEU D 4 18.91 -4.28 25.13
C LEU D 4 20.38 -4.25 24.71
N GLU D 5 21.29 -4.14 25.66
CA GLU D 5 22.70 -4.15 25.30
C GLU D 5 23.14 -5.52 24.83
N ARG D 6 22.52 -6.59 25.31
CA ARG D 6 22.79 -7.88 24.70
C ARG D 6 22.17 -7.96 23.32
N LEU D 7 21.12 -7.20 23.07
CA LEU D 7 20.66 -7.06 21.70
C LEU D 7 21.44 -6.01 20.93
N ALA D 8 22.33 -5.28 21.59
CA ALA D 8 23.20 -4.38 20.84
C ALA D 8 24.27 -5.14 20.08
N ALA D 9 24.77 -6.24 20.64
CA ALA D 9 25.82 -7.01 20.00
C ALA D 9 25.32 -8.33 19.43
N ASP D 10 24.02 -8.46 19.23
CA ASP D 10 23.48 -9.59 18.49
C ASP D 10 24.02 -9.52 17.07
N PRO D 11 24.59 -10.62 16.54
CA PRO D 11 25.19 -10.56 15.21
C PRO D 11 24.22 -10.42 14.06
N ASP D 12 22.96 -10.13 14.29
CA ASP D 12 21.99 -10.05 13.21
C ASP D 12 21.76 -8.59 12.78
N ARG D 13 21.39 -8.43 11.52
CA ARG D 13 21.10 -7.10 10.99
C ARG D 13 19.79 -6.55 11.54
N GLU D 14 18.70 -7.28 11.30
CA GLU D 14 17.37 -6.76 11.57
C GLU D 14 17.15 -6.55 13.06
N VAL D 15 17.82 -7.37 13.88
CA VAL D 15 17.78 -7.17 15.33
C VAL D 15 18.34 -5.82 15.70
N ARG D 16 19.56 -5.54 15.25
CA ARG D 16 20.17 -4.27 15.62
C ARG D 16 19.48 -3.09 14.96
N ALA D 17 18.82 -3.31 13.82
CA ALA D 17 18.05 -2.25 13.18
C ALA D 17 16.83 -1.89 14.02
N ALA D 18 16.12 -2.89 14.53
CA ALA D 18 15.03 -2.56 15.45
C ALA D 18 15.54 -2.05 16.78
N VAL D 19 16.75 -2.46 17.18
CA VAL D 19 17.38 -1.89 18.37
C VAL D 19 17.58 -0.40 18.20
N ALA D 20 18.20 0.00 17.09
CA ALA D 20 18.39 1.42 16.83
C ALA D 20 17.08 2.14 16.58
N ARG D 21 16.05 1.43 16.15
CA ARG D 21 14.72 2.04 16.16
C ARG D 21 14.28 2.37 17.58
N ARG D 22 14.56 1.51 18.55
CA ARG D 22 14.22 1.81 19.93
C ARG D 22 15.38 2.21 20.82
N LEU D 23 16.55 2.50 20.25
CA LEU D 23 17.80 2.79 20.98
C LEU D 23 18.20 1.73 21.99
N PRO E 1 16.75 28.75 1.05
CA PRO E 1 17.97 29.50 0.71
C PRO E 1 18.21 29.58 -0.78
N GLU E 2 19.46 29.85 -1.14
CA GLU E 2 19.88 29.85 -2.53
C GLU E 2 20.39 28.50 -3.00
N ALA E 3 20.58 27.55 -2.06
CA ALA E 3 21.15 26.26 -2.39
C ALA E 3 20.27 25.47 -3.35
N LEU E 4 18.95 25.70 -3.27
CA LEU E 4 18.02 25.13 -4.23
C LEU E 4 18.39 25.48 -5.66
N GLU E 5 18.81 26.72 -5.91
CA GLU E 5 19.21 27.07 -7.25
C GLU E 5 20.51 26.39 -7.65
N ARG E 6 21.38 26.09 -6.70
CA ARG E 6 22.51 25.25 -7.04
C ARG E 6 22.07 23.81 -7.29
N LEU E 7 20.95 23.41 -6.68
CA LEU E 7 20.36 22.15 -7.08
C LEU E 7 19.48 22.29 -8.31
N ALA E 8 19.28 23.50 -8.81
CA ALA E 8 18.58 23.64 -10.08
C ALA E 8 19.45 23.23 -11.25
N ALA E 9 20.75 23.50 -11.18
CA ALA E 9 21.67 23.18 -12.26
C ALA E 9 22.57 22.00 -11.94
N ASP E 10 22.20 21.19 -10.95
CA ASP E 10 22.88 19.93 -10.74
C ASP E 10 22.68 19.06 -11.97
N PRO E 11 23.74 18.49 -12.55
CA PRO E 11 23.59 17.71 -13.78
C PRO E 11 22.88 16.38 -13.63
N ASP E 12 22.23 16.10 -12.53
CA ASP E 12 21.58 14.82 -12.33
C ASP E 12 20.09 14.91 -12.62
N ARG E 13 19.51 13.78 -13.03
CA ARG E 13 18.09 13.72 -13.31
C ARG E 13 17.27 13.76 -12.03
N GLU E 14 17.51 12.80 -11.14
CA GLU E 14 16.65 12.59 -9.98
C GLU E 14 16.73 13.77 -9.02
N VAL E 15 17.88 14.43 -8.99
CA VAL E 15 18.03 15.64 -8.19
C VAL E 15 17.07 16.72 -8.68
N ARG E 16 17.11 17.02 -9.97
CA ARG E 16 16.25 18.08 -10.48
C ARG E 16 14.79 17.66 -10.46
N ALA E 17 14.51 16.36 -10.52
CA ALA E 17 13.13 15.90 -10.41
C ALA E 17 12.58 16.14 -9.01
N ALA E 18 13.37 15.84 -7.97
CA ALA E 18 12.91 16.20 -6.64
C ALA E 18 12.92 17.70 -6.41
N VAL E 19 13.80 18.43 -7.12
CA VAL E 19 13.78 19.89 -7.07
C VAL E 19 12.45 20.40 -7.58
N ALA E 20 12.02 19.95 -8.75
CA ALA E 20 10.74 20.35 -9.29
C ALA E 20 9.58 19.81 -8.48
N ARG E 21 9.78 18.72 -7.75
CA ARG E 21 8.78 18.35 -6.75
C ARG E 21 8.65 19.41 -5.67
N ARG E 22 9.76 20.00 -5.22
CA ARG E 22 9.68 21.06 -4.23
C ARG E 22 9.91 22.46 -4.78
N LEU E 23 9.91 22.65 -6.09
CA LEU E 23 10.24 23.93 -6.75
C LEU E 23 11.57 24.53 -6.36
N PRO F 1 7.59 -10.84 32.59
CA PRO F 1 8.26 -11.95 33.26
C PRO F 1 9.69 -12.14 32.80
N GLU F 2 10.20 -13.34 33.02
CA GLU F 2 11.53 -13.71 32.53
C GLU F 2 11.49 -14.35 31.16
N ALA F 3 10.28 -14.65 30.64
CA ALA F 3 10.15 -15.34 29.37
C ALA F 3 10.70 -14.52 28.22
N LEU F 4 10.63 -13.19 28.34
CA LEU F 4 11.25 -12.28 27.39
C LEU F 4 12.73 -12.57 27.21
N GLU F 5 13.43 -12.87 28.30
CA GLU F 5 14.84 -13.19 28.16
C GLU F 5 15.05 -14.52 27.48
N ARG F 6 14.12 -15.46 27.64
CA ARG F 6 14.20 -16.66 26.82
C ARG F 6 13.87 -16.35 25.37
N LEU F 7 13.09 -15.31 25.13
CA LEU F 7 12.95 -14.83 23.76
C LEU F 7 14.09 -13.90 23.37
N ALA F 8 14.99 -13.56 24.28
CA ALA F 8 16.16 -12.82 23.88
C ALA F 8 17.16 -13.69 23.15
N ALA F 9 17.28 -14.96 23.53
CA ALA F 9 18.23 -15.87 22.91
C ALA F 9 17.55 -16.89 22.01
N ASP F 10 16.33 -16.64 21.59
CA ASP F 10 15.70 -17.45 20.57
C ASP F 10 16.51 -17.30 19.28
N PRO F 11 16.90 -18.40 18.63
CA PRO F 11 17.76 -18.28 17.44
C PRO F 11 17.09 -17.71 16.21
N ASP F 12 15.92 -17.12 16.30
CA ASP F 12 15.22 -16.62 15.14
C ASP F 12 15.43 -15.12 15.00
N ARG F 13 15.36 -14.66 13.75
CA ARG F 13 15.49 -13.23 13.47
C ARG F 13 14.27 -12.45 13.92
N GLU F 14 13.11 -12.81 13.38
CA GLU F 14 11.91 -12.00 13.55
C GLU F 14 11.44 -12.00 14.99
N VAL F 15 11.74 -13.08 15.72
CA VAL F 15 11.45 -13.13 17.15
C VAL F 15 12.23 -12.05 17.87
N ARG F 16 13.55 -12.03 17.69
CA ARG F 16 14.35 -11.05 18.40
C ARG F 16 14.09 -9.63 17.90
N ALA F 17 13.64 -9.49 16.65
CA ALA F 17 13.27 -8.17 16.15
C ALA F 17 12.03 -7.63 16.85
N ALA F 18 11.01 -8.48 17.02
CA ALA F 18 9.87 -8.04 17.81
C ALA F 18 10.22 -7.90 19.28
N VAL F 19 11.19 -8.68 19.77
CA VAL F 19 11.69 -8.51 21.12
C VAL F 19 12.25 -7.12 21.31
N ALA F 20 13.16 -6.71 20.42
CA ALA F 20 13.72 -5.37 20.49
C ALA F 20 12.69 -4.30 20.20
N ARG F 21 11.62 -4.63 19.48
CA ARG F 21 10.50 -3.71 19.42
C ARG F 21 9.88 -3.51 20.79
N ARG F 22 9.75 -4.56 21.59
CA ARG F 22 9.22 -4.40 22.93
C ARG F 22 10.24 -4.48 24.06
N LEU F 23 11.54 -4.41 23.74
CA LEU F 23 12.65 -4.59 24.70
C LEU F 23 12.59 -5.87 25.51
N PRO G 1 9.20 30.70 -7.47
CA PRO G 1 10.10 31.62 -8.15
C PRO G 1 10.07 31.48 -9.66
N GLU G 2 11.12 31.95 -10.30
CA GLU G 2 11.28 31.79 -11.74
C GLU G 2 12.05 30.53 -12.11
N ALA G 3 12.62 29.84 -11.11
CA ALA G 3 13.44 28.67 -11.36
C ALA G 3 12.65 27.55 -12.01
N LEU G 4 11.35 27.47 -11.69
CA LEU G 4 10.44 26.54 -12.35
C LEU G 4 10.47 26.70 -13.86
N GLU G 5 10.51 27.94 -14.35
CA GLU G 5 10.58 28.11 -15.79
C GLU G 5 11.91 27.68 -16.36
N ARG G 6 12.98 27.77 -15.57
CA ARG G 6 14.22 27.15 -16.03
C ARG G 6 14.13 25.64 -15.97
N LEU G 7 13.27 25.11 -15.10
CA LEU G 7 12.97 23.70 -15.18
C LEU G 7 11.88 23.40 -16.21
N ALA G 8 11.29 24.43 -16.82
CA ALA G 8 10.38 24.16 -17.92
C ALA G 8 11.12 23.76 -19.18
N ALA G 9 12.29 24.32 -19.41
CA ALA G 9 13.07 24.03 -20.62
C ALA G 9 14.29 23.16 -20.32
N ASP G 10 14.31 22.49 -19.19
CA ASP G 10 15.32 21.47 -18.94
C ASP G 10 15.14 20.37 -19.98
N PRO G 11 16.21 19.95 -20.68
CA PRO G 11 16.05 18.95 -21.73
C PRO G 11 15.73 17.54 -21.26
N ASP G 12 15.38 17.32 -20.01
CA ASP G 12 15.12 16.00 -19.51
C ASP G 12 13.63 15.70 -19.50
N ARG G 13 13.31 14.40 -19.62
CA ARG G 13 11.92 13.97 -19.58
C ARG G 13 11.35 14.07 -18.18
N GLU G 14 11.97 13.36 -17.23
CA GLU G 14 11.40 13.19 -15.91
C GLU G 14 11.34 14.50 -15.15
N VAL G 15 12.26 15.40 -15.45
CA VAL G 15 12.23 16.75 -14.89
C VAL G 15 10.96 17.46 -15.30
N ARG G 16 10.70 17.53 -16.59
CA ARG G 16 9.53 18.24 -17.06
C ARG G 16 8.24 17.52 -16.69
N ALA G 17 8.31 16.20 -16.49
CA ALA G 17 7.13 15.47 -16.04
C ALA G 17 6.78 15.83 -14.60
N ALA G 18 7.78 15.91 -13.73
CA ALA G 18 7.48 16.40 -12.38
C ALA G 18 7.14 17.88 -12.38
N VAL G 19 7.67 18.65 -13.34
CA VAL G 19 7.28 20.04 -13.49
C VAL G 19 5.79 20.14 -13.78
N ALA G 20 5.31 19.40 -14.77
CA ALA G 20 3.89 19.39 -15.07
C ALA G 20 3.06 18.76 -13.98
N ARG G 21 3.66 17.90 -13.15
CA ARG G 21 2.97 17.50 -11.94
C ARG G 21 2.76 18.69 -11.00
N ARG G 22 3.75 19.58 -10.88
CA ARG G 22 3.55 20.77 -10.05
C ARG G 22 3.33 22.06 -10.82
N LEU G 23 3.05 22.00 -12.12
CA LEU G 23 2.92 23.17 -13.01
C LEU G 23 4.10 24.12 -12.99
N PRO H 1 -2.65 -16.41 31.46
CA PRO H 1 -2.41 -17.75 32.01
C PRO H 1 -1.00 -18.24 31.77
N GLU H 2 -0.84 -19.55 31.85
CA GLU H 2 0.43 -20.19 31.54
C GLU H 2 0.53 -20.61 30.07
N ALA H 3 -0.57 -20.51 29.33
CA ALA H 3 -0.59 -20.96 27.94
C ALA H 3 0.36 -20.16 27.07
N LEU H 4 0.58 -18.89 27.42
CA LEU H 4 1.58 -18.06 26.77
C LEU H 4 2.96 -18.71 26.79
N GLU H 5 3.33 -19.31 27.92
CA GLU H 5 4.62 -19.97 27.96
C GLU H 5 4.64 -21.22 27.09
N ARG H 6 3.50 -21.87 26.91
CA ARG H 6 3.49 -22.94 25.91
C ARG H 6 3.54 -22.35 24.51
N LEU H 7 3.10 -21.12 24.33
CA LEU H 7 3.37 -20.45 23.08
C LEU H 7 4.74 -19.80 23.05
N ALA H 8 5.48 -19.85 24.16
CA ALA H 8 6.86 -19.38 24.11
C ALA H 8 7.75 -20.38 23.40
N ALA H 9 7.49 -21.68 23.55
CA ALA H 9 8.31 -22.71 22.95
C ALA H 9 7.62 -23.39 21.77
N ASP H 10 6.60 -22.76 21.21
CA ASP H 10 6.03 -23.23 19.96
C ASP H 10 7.11 -23.13 18.89
N PRO H 11 7.36 -24.19 18.11
CA PRO H 11 8.45 -24.15 17.13
C PRO H 11 8.21 -23.26 15.92
N ASP H 12 7.20 -22.40 15.93
CA ASP H 12 6.91 -21.58 14.79
C ASP H 12 7.49 -20.18 14.95
N ARG H 13 7.79 -19.54 13.81
CA ARG H 13 8.31 -18.18 13.84
C ARG H 13 7.23 -17.18 14.21
N GLU H 14 6.16 -17.14 13.42
CA GLU H 14 5.18 -16.08 13.53
C GLU H 14 4.43 -16.14 14.85
N VAL H 15 4.31 -17.35 15.40
CA VAL H 15 3.73 -17.52 16.73
C VAL H 15 4.56 -16.80 17.77
N ARG H 16 5.86 -17.10 17.81
CA ARG H 16 6.69 -16.47 18.81
C ARG H 16 6.88 -14.99 18.55
N ALA H 17 6.75 -14.56 17.29
CA ALA H 17 6.82 -13.13 16.99
C ALA H 17 5.62 -12.39 17.55
N ALA H 18 4.42 -12.95 17.40
CA ALA H 18 3.28 -12.33 18.05
C ALA H 18 3.32 -12.50 19.56
N VAL H 19 3.97 -13.56 20.05
CA VAL H 19 4.19 -13.71 21.49
C VAL H 19 5.01 -12.56 22.00
N ALA H 20 6.15 -12.29 21.37
CA ALA H 20 6.98 -11.17 21.79
C ALA H 20 6.32 -9.83 21.52
N ARG H 21 5.38 -9.77 20.59
CA ARG H 21 4.54 -8.58 20.52
C ARG H 21 3.70 -8.41 21.77
N ARG H 22 3.17 -9.50 22.33
CA ARG H 22 2.42 -9.39 23.58
C ARG H 22 3.14 -9.88 24.81
N LEU H 23 4.45 -10.12 24.74
CA LEU H 23 5.27 -10.71 25.82
C LEU H 23 4.74 -12.03 26.37
N PRO I 1 -0.30 29.51 -14.59
CA PRO I 1 0.19 30.47 -15.59
C PRO I 1 -0.03 30.01 -17.01
N GLU I 2 0.75 30.58 -17.92
CA GLU I 2 0.72 30.17 -19.31
C GLU I 2 1.74 29.08 -19.61
N ALA I 3 2.62 28.77 -18.66
CA ALA I 3 3.69 27.80 -18.88
C ALA I 3 3.15 26.42 -19.16
N LEU I 4 1.98 26.10 -18.58
CA LEU I 4 1.27 24.86 -18.88
C LEU I 4 1.03 24.70 -20.37
N GLU I 5 0.65 25.78 -21.06
CA GLU I 5 0.44 25.67 -22.49
C GLU I 5 1.76 25.46 -23.24
N ARG I 6 2.86 25.96 -22.71
CA ARG I 6 4.14 25.58 -23.29
C ARG I 6 4.48 24.14 -22.98
N LEU I 7 3.94 23.62 -21.88
CA LEU I 7 4.02 22.18 -21.69
C LEU I 7 2.92 21.43 -22.41
N ALA I 8 1.99 22.13 -23.04
CA ALA I 8 1.03 21.44 -23.88
C ALA I 8 1.65 20.97 -25.19
N ALA I 9 2.58 21.73 -25.73
CA ALA I 9 3.22 21.40 -27.00
C ALA I 9 4.66 20.93 -26.82
N ASP I 10 5.03 20.52 -25.63
CA ASP I 10 6.30 19.86 -25.43
C ASP I 10 6.29 18.56 -26.22
N PRO I 11 7.30 18.28 -27.04
CA PRO I 11 7.27 17.07 -27.86
C PRO I 11 7.43 15.75 -27.12
N ASP I 12 7.34 15.73 -25.81
CA ASP I 12 7.54 14.51 -25.06
C ASP I 12 6.21 13.86 -24.70
N ARG I 13 6.23 12.54 -24.55
CA ARG I 13 5.05 11.79 -24.16
C ARG I 13 4.69 12.04 -22.71
N GLU I 14 5.61 11.72 -21.80
CA GLU I 14 5.31 11.68 -20.38
C GLU I 14 5.00 13.07 -19.85
N VAL I 15 5.60 14.10 -20.47
CA VAL I 15 5.28 15.48 -20.13
C VAL I 15 3.82 15.76 -20.39
N ARG I 16 3.36 15.49 -21.60
CA ARG I 16 1.98 15.80 -21.93
C ARG I 16 1.02 14.87 -21.20
N ALA I 17 1.47 13.69 -20.81
CA ALA I 17 0.61 12.79 -20.02
C ALA I 17 0.41 13.35 -18.62
N ALA I 18 1.46 13.86 -17.99
CA ALA I 18 1.24 14.52 -16.71
C ALA I 18 0.52 15.85 -16.87
N VAL I 19 0.66 16.50 -18.03
CA VAL I 19 -0.11 17.69 -18.33
C VAL I 19 -1.59 17.38 -18.31
N ALA I 20 -1.99 16.34 -19.05
CA ALA I 20 -3.39 15.93 -19.06
C ALA I 20 -3.84 15.37 -17.74
N ARG I 21 -2.91 14.87 -16.92
CA ARG I 21 -3.27 14.57 -15.55
C ARG I 21 -3.66 15.84 -14.80
N ARG I 22 -2.96 16.95 -15.02
CA ARG I 22 -3.33 18.19 -14.36
C ARG I 22 -4.02 19.21 -15.26
N LEU I 23 -4.46 18.82 -16.46
CA LEU I 23 -5.04 19.71 -17.48
C LEU I 23 -4.17 20.90 -17.85
N PRO J 1 -13.46 -18.96 27.61
CA PRO J 1 -13.65 -20.37 27.94
C PRO J 1 -12.36 -21.16 27.85
N GLU J 2 -12.51 -22.48 27.71
CA GLU J 2 -11.38 -23.37 27.51
C GLU J 2 -11.07 -23.59 26.04
N ALA J 3 -11.94 -23.11 25.14
CA ALA J 3 -11.78 -23.35 23.71
C ALA J 3 -10.51 -22.71 23.18
N LEU J 4 -10.10 -21.59 23.78
CA LEU J 4 -8.82 -20.96 23.47
C LEU J 4 -7.66 -21.93 23.61
N GLU J 5 -7.68 -22.77 24.65
CA GLU J 5 -6.60 -23.73 24.78
C GLU J 5 -6.66 -24.80 23.72
N ARG J 6 -7.87 -25.12 23.23
CA ARG J 6 -7.91 -26.00 22.07
C ARG J 6 -7.43 -25.27 20.82
N LEU J 7 -7.55 -23.94 20.80
CA LEU J 7 -6.89 -23.19 19.75
C LEU J 7 -5.43 -22.93 20.07
N ALA J 8 -4.96 -23.30 21.28
CA ALA J 8 -3.55 -23.19 21.53
C ALA J 8 -2.76 -24.28 20.82
N ALA J 9 -3.33 -25.48 20.69
CA ALA J 9 -2.65 -26.60 20.05
C ALA J 9 -3.22 -26.92 18.67
N ASP J 10 -3.93 -25.97 18.07
CA ASP J 10 -4.32 -26.11 16.67
C ASP J 10 -3.05 -26.14 15.83
N PRO J 11 -2.88 -27.11 14.94
CA PRO J 11 -1.63 -27.21 14.17
C PRO J 11 -1.41 -26.13 13.13
N ASP J 12 -2.19 -25.06 13.12
CA ASP J 12 -2.04 -24.03 12.11
C ASP J 12 -1.22 -22.86 12.63
N ARG J 13 -0.55 -22.18 11.69
CA ARG J 13 0.24 -21.01 12.05
C ARG J 13 -0.64 -19.83 12.41
N GLU J 14 -1.49 -19.41 11.48
CA GLU J 14 -2.23 -18.17 11.61
C GLU J 14 -3.22 -18.22 12.76
N VAL J 15 -3.72 -19.42 13.04
CA VAL J 15 -4.59 -19.62 14.20
C VAL J 15 -3.85 -19.27 15.48
N ARG J 16 -2.69 -19.89 15.69
CA ARG J 16 -1.96 -19.64 16.91
C ARG J 16 -1.39 -18.24 16.95
N ALA J 17 -1.16 -17.62 15.80
CA ALA J 17 -0.72 -16.23 15.78
C ALA J 17 -1.82 -15.30 16.26
N ALA J 18 -3.05 -15.50 15.80
CA ALA J 18 -4.14 -14.71 16.35
C ALA J 18 -4.44 -15.08 17.79
N VAL J 19 -4.17 -16.34 18.18
CA VAL J 19 -4.29 -16.73 19.58
C VAL J 19 -3.35 -15.91 20.44
N ALA J 20 -2.08 -15.85 20.07
CA ALA J 20 -1.13 -15.04 20.80
C ALA J 20 -1.41 -13.56 20.68
N ARG J 21 -2.09 -13.13 19.63
CA ARG J 21 -2.61 -11.78 19.64
C ARG J 21 -3.63 -11.57 20.74
N ARG J 22 -4.50 -12.55 21.01
CA ARG J 22 -5.44 -12.43 22.10
C ARG J 22 -5.13 -13.26 23.33
N LEU J 23 -3.91 -13.80 23.44
CA LEU J 23 -3.50 -14.72 24.51
C LEU J 23 -4.39 -15.93 24.71
N PRO K 1 -9.80 24.69 -19.29
CA PRO K 1 -9.74 25.52 -20.50
C PRO K 1 -10.08 24.74 -21.75
N GLU K 2 -9.64 25.28 -22.89
CA GLU K 2 -9.81 24.60 -24.17
C GLU K 2 -8.61 23.73 -24.51
N ALA K 3 -7.52 23.82 -23.73
CA ALA K 3 -6.30 23.10 -24.03
C ALA K 3 -6.51 21.59 -23.97
N LEU K 4 -7.43 21.15 -23.12
CA LEU K 4 -7.84 19.75 -23.06
C LEU K 4 -8.29 19.24 -24.43
N GLU K 5 -9.03 20.05 -25.17
CA GLU K 5 -9.45 19.60 -26.49
C GLU K 5 -8.28 19.54 -27.45
N ARG K 6 -7.26 20.39 -27.26
CA ARG K 6 -6.05 20.19 -28.04
C ARG K 6 -5.31 18.95 -27.59
N LEU K 7 -5.49 18.55 -26.34
CA LEU K 7 -5.01 17.24 -25.94
C LEU K 7 -5.98 16.13 -26.29
N ALA K 8 -7.17 16.47 -26.80
CA ALA K 8 -8.04 15.42 -27.30
C ALA K 8 -7.55 14.85 -28.62
N ALA K 9 -6.96 15.68 -29.47
CA ALA K 9 -6.48 15.24 -30.77
C ALA K 9 -4.97 15.16 -30.85
N ASP K 10 -4.30 15.09 -29.70
CA ASP K 10 -2.88 14.78 -29.68
C ASP K 10 -2.69 13.38 -30.24
N PRO K 11 -1.80 13.17 -31.21
CA PRO K 11 -1.66 11.84 -31.81
C PRO K 11 -1.04 10.78 -30.93
N ASP K 12 -0.90 10.99 -29.65
CA ASP K 12 -0.26 10.02 -28.78
C ASP K 12 -1.30 9.19 -28.04
N ARG K 13 -0.90 7.96 -27.70
CA ARG K 13 -1.78 7.06 -26.96
C ARG K 13 -1.93 7.51 -25.52
N GLU K 14 -0.82 7.60 -24.80
CA GLU K 14 -0.84 7.78 -23.35
C GLU K 14 -1.40 9.15 -22.98
N VAL K 15 -1.21 10.12 -23.87
CA VAL K 15 -1.81 11.44 -23.68
C VAL K 15 -3.32 11.33 -23.67
N ARG K 16 -3.90 10.73 -24.70
CA ARG K 16 -5.34 10.65 -24.76
C ARG K 16 -5.90 9.70 -23.70
N ALA K 17 -5.09 8.73 -23.24
CA ALA K 17 -5.53 7.87 -22.17
C ALA K 17 -5.64 8.63 -20.85
N ALA K 18 -4.66 9.47 -20.55
CA ALA K 18 -4.81 10.32 -19.37
C ALA K 18 -5.88 11.39 -19.57
N VAL K 19 -6.11 11.81 -20.82
CA VAL K 19 -7.20 12.72 -21.12
C VAL K 19 -8.53 12.08 -20.74
N ALA K 20 -8.77 10.86 -21.21
CA ALA K 20 -10.00 10.16 -20.86
C ALA K 20 -10.05 9.78 -19.40
N ARG K 21 -8.90 9.67 -18.73
CA ARG K 21 -8.93 9.60 -17.28
C ARG K 21 -9.49 10.87 -16.66
N ARG K 22 -9.15 12.04 -17.20
CA ARG K 22 -9.71 13.27 -16.69
C ARG K 22 -10.79 13.91 -17.56
N LEU K 23 -11.31 13.19 -18.56
CA LEU K 23 -12.26 13.70 -19.56
C LEU K 23 -11.82 14.96 -20.28
N PRO L 1 -23.45 -18.15 21.56
CA PRO L 1 -24.06 -19.48 21.51
C PRO L 1 -23.03 -20.59 21.44
N GLU L 2 -23.47 -21.75 20.97
CA GLU L 2 -22.58 -22.88 20.74
C GLU L 2 -22.03 -22.90 19.33
N ALA L 3 -22.54 -22.04 18.44
CA ALA L 3 -22.15 -22.04 17.04
C ALA L 3 -20.67 -21.71 16.87
N LEU L 4 -20.13 -20.90 17.79
CA LEU L 4 -18.71 -20.62 17.83
C LEU L 4 -17.87 -21.90 17.91
N GLU L 5 -18.32 -22.87 18.70
CA GLU L 5 -17.58 -24.11 18.78
C GLU L 5 -17.68 -24.90 17.49
N ARG L 6 -18.79 -24.76 16.76
CA ARG L 6 -18.81 -25.34 15.43
C ARG L 6 -17.91 -24.58 14.48
N LEU L 7 -17.68 -23.29 14.76
CA LEU L 7 -16.64 -22.59 14.04
C LEU L 7 -15.26 -22.83 14.64
N ALA L 8 -15.18 -23.53 15.76
CA ALA L 8 -13.87 -23.90 16.25
C ALA L 8 -13.25 -25.02 15.43
N ALA L 9 -14.06 -25.95 14.93
CA ALA L 9 -13.56 -27.07 14.15
C ALA L 9 -13.88 -26.95 12.68
N ASP L 10 -14.19 -25.76 12.21
CA ASP L 10 -14.29 -25.51 10.78
C ASP L 10 -12.93 -25.75 10.17
N PRO L 11 -12.82 -26.54 9.10
CA PRO L 11 -11.50 -26.85 8.54
C PRO L 11 -10.81 -25.72 7.82
N ASP L 12 -11.26 -24.49 7.95
CA ASP L 12 -10.65 -23.38 7.25
C ASP L 12 -9.69 -22.62 8.15
N ARG L 13 -8.69 -22.00 7.52
CA ARG L 13 -7.71 -21.20 8.26
C ARG L 13 -8.33 -19.90 8.75
N GLU L 14 -8.83 -19.09 7.81
CA GLU L 14 -9.23 -17.72 8.14
C GLU L 14 -10.42 -17.69 9.07
N VAL L 15 -11.27 -18.73 8.99
CA VAL L 15 -12.38 -18.88 9.92
C VAL L 15 -11.86 -19.01 11.33
N ARG L 16 -10.98 -19.97 11.57
CA ARG L 16 -10.49 -20.18 12.92
C ARG L 16 -9.61 -19.03 13.38
N ALA L 17 -8.98 -18.30 12.45
CA ALA L 17 -8.21 -17.12 12.82
C ALA L 17 -9.12 -16.01 13.33
N ALA L 18 -10.24 -15.77 12.66
CA ALA L 18 -11.18 -14.81 13.20
C ALA L 18 -11.87 -15.34 14.46
N VAL L 19 -12.01 -16.65 14.58
CA VAL L 19 -12.52 -17.26 15.80
C VAL L 19 -11.61 -16.92 16.97
N ALA L 20 -10.31 -17.17 16.82
CA ALA L 20 -9.37 -16.83 17.87
C ALA L 20 -9.23 -15.33 18.06
N ARG L 21 -9.55 -14.53 17.05
CA ARG L 21 -9.70 -13.11 17.29
C ARG L 21 -10.85 -12.83 18.25
N ARG L 22 -11.97 -13.55 18.13
CA ARG L 22 -13.06 -13.34 19.06
C ARG L 22 -13.23 -14.44 20.10
N LEU L 23 -12.25 -15.34 20.25
CA LEU L 23 -12.32 -16.52 21.13
C LEU L 23 -13.51 -17.42 20.90
N PRO M 1 -18.47 16.95 -20.99
CA PRO M 1 -18.85 17.50 -22.29
C PRO M 1 -19.19 16.44 -23.31
N GLU M 2 -19.12 16.82 -24.58
CA GLU M 2 -19.33 15.89 -25.68
C GLU M 2 -18.02 15.27 -26.15
N ALA M 3 -16.88 15.76 -25.66
CA ALA M 3 -15.58 15.29 -26.11
C ALA M 3 -15.36 13.83 -25.79
N LEU M 4 -15.97 13.35 -24.69
CA LEU M 4 -15.97 11.94 -24.35
C LEU M 4 -16.50 11.08 -25.48
N GLU M 5 -17.56 11.53 -26.15
CA GLU M 5 -18.08 10.75 -27.27
C GLU M 5 -17.12 10.78 -28.45
N ARG M 6 -16.35 11.85 -28.61
CA ARG M 6 -15.29 11.79 -29.61
C ARG M 6 -14.18 10.86 -29.16
N LEU M 7 -14.02 10.70 -27.85
CA LEU M 7 -13.14 9.64 -27.39
C LEU M 7 -13.82 8.28 -27.35
N ALA M 8 -15.12 8.23 -27.63
CA ALA M 8 -15.76 6.93 -27.76
C ALA M 8 -15.39 6.24 -29.05
N ALA M 9 -15.20 6.99 -30.13
CA ALA M 9 -14.87 6.43 -31.42
C ALA M 9 -13.43 6.69 -31.82
N ASP M 10 -12.57 7.00 -30.86
CA ASP M 10 -11.14 7.05 -31.12
C ASP M 10 -10.70 5.64 -31.49
N PRO M 11 -9.96 5.46 -32.59
CA PRO M 11 -9.58 4.11 -33.02
C PRO M 11 -8.56 3.41 -32.15
N ASP M 12 -8.24 3.91 -30.97
CA ASP M 12 -7.23 3.30 -30.14
C ASP M 12 -7.85 2.40 -29.07
N ARG M 13 -7.09 1.40 -28.65
CA ARG M 13 -7.54 0.49 -27.61
C ARG M 13 -7.55 1.16 -26.26
N GLU M 14 -6.38 1.64 -25.82
CA GLU M 14 -6.20 2.10 -24.46
C GLU M 14 -7.03 3.34 -24.17
N VAL M 15 -7.27 4.15 -25.20
CA VAL M 15 -8.15 5.30 -25.09
C VAL M 15 -9.55 4.85 -24.71
N ARG M 16 -10.12 3.93 -25.50
CA ARG M 16 -11.48 3.51 -25.21
C ARG M 16 -11.56 2.69 -23.94
N ALA M 17 -10.46 2.05 -23.54
CA ALA M 17 -10.45 1.33 -22.27
C ALA M 17 -10.52 2.29 -21.09
N ALA M 18 -9.77 3.38 -21.14
CA ALA M 18 -9.92 4.39 -20.10
C ALA M 18 -11.25 5.12 -20.21
N VAL M 19 -11.80 5.22 -21.42
CA VAL M 19 -13.14 5.77 -21.59
C VAL M 19 -14.15 4.93 -20.84
N ALA M 20 -14.15 3.63 -21.06
CA ALA M 20 -15.06 2.75 -20.35
C ALA M 20 -14.73 2.66 -18.87
N ARG M 21 -13.50 2.96 -18.47
CA ARG M 21 -13.24 3.16 -17.05
C ARG M 21 -14.00 4.36 -16.52
N ARG M 22 -14.10 5.45 -17.28
CA ARG M 22 -14.87 6.60 -16.84
C ARG M 22 -16.21 6.78 -17.53
N LEU M 23 -16.69 5.78 -18.28
CA LEU M 23 -17.91 5.87 -19.09
C LEU M 23 -17.95 7.01 -20.08
N PRO N 1 -31.42 -13.61 14.49
CA PRO N 1 -32.29 -14.72 14.13
C PRO N 1 -31.55 -16.03 14.03
N GLU N 2 -32.15 -16.98 13.30
CA GLU N 2 -31.51 -18.25 13.03
C GLU N 2 -30.73 -18.24 11.72
N ALA N 3 -30.85 -17.17 10.93
CA ALA N 3 -30.20 -17.09 9.64
C ALA N 3 -28.69 -17.13 9.75
N LEU N 4 -28.16 -16.61 10.86
CA LEU N 4 -26.74 -16.71 11.18
C LEU N 4 -26.26 -18.16 11.16
N GLU N 5 -27.06 -19.07 11.71
CA GLU N 5 -26.65 -20.47 11.68
C GLU N 5 -26.69 -21.03 10.27
N ARG N 6 -27.58 -20.53 9.41
CA ARG N 6 -27.47 -20.91 8.02
C ARG N 6 -26.26 -20.28 7.36
N LEU N 7 -25.80 -19.15 7.89
CA LEU N 7 -24.50 -18.65 7.46
C LEU N 7 -23.36 -19.31 8.21
N ALA N 8 -23.65 -20.14 9.20
CA ALA N 8 -22.57 -20.90 9.82
C ALA N 8 -22.09 -22.03 8.93
N ALA N 9 -22.98 -22.65 8.17
CA ALA N 9 -22.62 -23.76 7.29
C ALA N 9 -22.62 -23.37 5.83
N ASP N 10 -22.55 -22.08 5.52
CA ASP N 10 -22.31 -21.64 4.16
C ASP N 10 -20.95 -22.14 3.73
N PRO N 11 -20.83 -22.80 2.57
CA PRO N 11 -19.54 -23.37 2.17
C PRO N 11 -18.47 -22.36 1.77
N ASP N 12 -18.64 -21.08 2.04
CA ASP N 12 -17.67 -20.09 1.63
C ASP N 12 -16.75 -19.72 2.79
N ARG N 13 -15.54 -19.30 2.44
CA ARG N 13 -14.57 -18.88 3.44
C ARG N 13 -14.94 -17.54 4.04
N GLU N 14 -15.06 -16.52 3.20
CA GLU N 14 -15.19 -15.15 3.68
C GLU N 14 -16.51 -14.93 4.40
N VAL N 15 -17.53 -15.69 4.01
CA VAL N 15 -18.80 -15.67 4.72
C VAL N 15 -18.61 -16.11 6.16
N ARG N 16 -18.03 -17.28 6.36
CA ARG N 16 -17.87 -17.78 7.72
C ARG N 16 -16.85 -16.96 8.50
N ALA N 17 -15.91 -16.30 7.81
CA ALA N 17 -14.97 -15.42 8.50
C ALA N 17 -15.68 -14.19 9.05
N ALA N 18 -16.56 -13.58 8.25
CA ALA N 18 -17.35 -12.49 8.81
C ALA N 18 -18.37 -12.98 9.83
N VAL N 19 -18.83 -14.23 9.69
CA VAL N 19 -19.68 -14.83 10.71
C VAL N 19 -18.96 -14.88 12.04
N ALA N 20 -17.75 -15.42 12.06
CA ALA N 20 -16.97 -15.47 13.28
C ALA N 20 -16.53 -14.10 13.74
N ARG N 21 -16.46 -13.12 12.84
CA ARG N 21 -16.33 -11.75 13.30
C ARG N 21 -17.54 -11.30 14.10
N ARG N 22 -18.75 -11.69 13.68
CA ARG N 22 -19.93 -11.34 14.46
C ARG N 22 -20.54 -12.48 15.26
N LEU N 23 -19.83 -13.60 15.41
CA LEU N 23 -20.34 -14.83 16.06
C LEU N 23 -21.64 -15.37 15.49
N PRO O 1 -24.92 7.20 -19.86
CA PRO O 1 -25.62 7.39 -21.13
C PRO O 1 -25.81 6.11 -21.90
N GLU O 2 -26.04 6.25 -23.20
CA GLU O 2 -26.14 5.10 -24.10
C GLU O 2 -24.81 4.72 -24.71
N ALA O 3 -23.78 5.55 -24.52
CA ALA O 3 -22.47 5.32 -25.13
C ALA O 3 -21.83 4.03 -24.65
N LEU O 4 -22.13 3.66 -23.41
CA LEU O 4 -21.71 2.37 -22.86
C LEU O 4 -22.17 1.21 -23.73
N GLU O 5 -23.39 1.27 -24.25
CA GLU O 5 -23.84 0.19 -25.12
C GLU O 5 -23.12 0.21 -26.45
N ARG O 6 -22.68 1.38 -26.91
CA ARG O 6 -21.80 1.37 -28.07
C ARG O 6 -20.43 0.84 -27.72
N LEU O 7 -20.03 0.96 -26.45
CA LEU O 7 -18.85 0.25 -26.01
C LEU O 7 -19.15 -1.19 -25.63
N ALA O 8 -20.42 -1.60 -25.66
CA ALA O 8 -20.71 -3.00 -25.46
C ALA O 8 -20.36 -3.83 -26.69
N ALA O 9 -20.53 -3.27 -27.88
CA ALA O 9 -20.26 -3.98 -29.12
C ALA O 9 -19.02 -3.48 -29.82
N ASP O 10 -18.14 -2.79 -29.11
CA ASP O 10 -16.82 -2.47 -29.62
C ASP O 10 -16.09 -3.77 -29.87
N PRO O 11 -15.50 -3.98 -31.04
CA PRO O 11 -14.84 -5.27 -31.32
C PRO O 11 -13.56 -5.53 -30.58
N ASP O 12 -13.22 -4.76 -29.57
CA ASP O 12 -11.96 -4.95 -28.86
C ASP O 12 -12.17 -5.74 -27.58
N ARG O 13 -11.11 -6.44 -27.17
CA ARG O 13 -11.17 -7.22 -25.94
C ARG O 13 -11.15 -6.32 -24.71
N GLU O 14 -10.09 -5.52 -24.59
CA GLU O 14 -9.84 -4.77 -23.36
C GLU O 14 -10.91 -3.72 -23.12
N VAL O 15 -11.50 -3.21 -24.19
CA VAL O 15 -12.63 -2.29 -24.08
C VAL O 15 -13.80 -2.97 -23.38
N ARG O 16 -14.22 -4.12 -23.89
CA ARG O 16 -15.36 -4.80 -23.31
C ARG O 16 -15.03 -5.35 -21.93
N ALA O 17 -13.75 -5.63 -21.66
CA ALA O 17 -13.37 -6.08 -20.32
C ALA O 17 -13.52 -4.95 -19.31
N ALA O 18 -13.09 -3.74 -19.66
CA ALA O 18 -13.34 -2.63 -18.76
C ALA O 18 -14.82 -2.25 -18.73
N VAL O 19 -15.56 -2.52 -19.81
CA VAL O 19 -17.00 -2.34 -19.81
C VAL O 19 -17.63 -3.22 -18.76
N ALA O 20 -17.32 -4.51 -18.79
CA ALA O 20 -17.85 -5.43 -17.79
C ALA O 20 -17.31 -5.15 -16.40
N ARG O 21 -16.15 -4.51 -16.29
CA ARG O 21 -15.75 -3.98 -15.00
C ARG O 21 -16.72 -2.91 -14.51
N ARG O 22 -17.20 -2.04 -15.40
CA ARG O 22 -18.17 -1.05 -14.99
C ARG O 22 -19.60 -1.31 -15.44
N LEU O 23 -19.91 -2.51 -15.92
CA LEU O 23 -21.21 -2.88 -16.50
C LEU O 23 -21.70 -1.98 -17.61
N PRO P 1 -36.63 -6.27 6.98
CA PRO P 1 -37.63 -7.06 6.27
C PRO P 1 -37.20 -8.49 6.03
N GLU P 2 -37.83 -9.12 5.05
CA GLU P 2 -37.46 -10.47 4.65
C GLU P 2 -36.43 -10.47 3.52
N ALA P 3 -36.15 -9.30 2.95
CA ALA P 3 -35.23 -9.21 1.81
C ALA P 3 -33.82 -9.66 2.18
N LEU P 4 -33.44 -9.45 3.43
CA LEU P 4 -32.18 -9.96 3.95
C LEU P 4 -32.04 -11.46 3.75
N GLU P 5 -33.12 -12.21 3.95
CA GLU P 5 -33.05 -13.65 3.73
C GLU P 5 -32.91 -13.98 2.25
N ARG P 6 -33.46 -13.14 1.37
CA ARG P 6 -33.15 -13.32 -0.04
C ARG P 6 -31.72 -12.93 -0.34
N LEU P 7 -31.13 -12.06 0.46
CA LEU P 7 -29.71 -11.85 0.37
C LEU P 7 -28.93 -12.88 1.16
N ALA P 8 -29.60 -13.75 1.91
CA ALA P 8 -28.87 -14.83 2.54
C ALA P 8 -28.47 -15.90 1.53
N ALA P 9 -29.30 -16.16 0.53
CA ALA P 9 -29.02 -17.18 -0.47
C ALA P 9 -28.62 -16.59 -1.81
N ASP P 10 -28.20 -15.34 -1.84
CA ASP P 10 -27.60 -14.78 -3.03
C ASP P 10 -26.32 -15.55 -3.31
N PRO P 11 -26.11 -16.04 -4.54
CA PRO P 11 -24.92 -16.86 -4.83
C PRO P 11 -23.60 -16.11 -4.83
N ASP P 12 -23.54 -14.88 -4.35
CA ASP P 12 -22.31 -14.12 -4.39
C ASP P 12 -21.58 -14.18 -3.05
N ARG P 13 -20.26 -14.05 -3.11
CA ARG P 13 -19.46 -14.03 -1.89
C ARG P 13 -19.64 -12.75 -1.11
N GLU P 14 -19.34 -11.61 -1.75
CA GLU P 14 -19.26 -10.34 -1.04
C GLU P 14 -20.62 -9.90 -0.53
N VAL P 15 -21.68 -10.31 -1.22
CA VAL P 15 -23.03 -10.06 -0.74
C VAL P 15 -23.26 -10.74 0.60
N ARG P 16 -23.00 -12.05 0.66
CA ARG P 16 -23.24 -12.76 1.90
C ARG P 16 -22.25 -12.35 2.99
N ALA P 17 -21.07 -11.86 2.61
CA ALA P 17 -20.13 -11.37 3.60
C ALA P 17 -20.64 -10.09 4.25
N ALA P 18 -21.18 -9.16 3.45
CA ALA P 18 -21.80 -8.00 4.06
C ALA P 18 -23.08 -8.35 4.78
N VAL P 19 -23.78 -9.41 4.34
CA VAL P 19 -24.94 -9.90 5.06
C VAL P 19 -24.55 -10.33 6.46
N ALA P 20 -23.53 -11.18 6.57
CA ALA P 20 -23.05 -11.60 7.88
C ALA P 20 -22.42 -10.48 8.66
N ARG P 21 -21.95 -9.43 7.99
CA ARG P 21 -21.60 -8.22 8.72
C ARG P 21 -22.82 -7.60 9.38
N ARG P 22 -23.98 -7.59 8.71
CA ARG P 22 -25.18 -7.06 9.32
C ARG P 22 -26.18 -8.12 9.77
N LEU P 23 -25.80 -9.40 9.82
CA LEU P 23 -26.69 -10.54 10.12
C LEU P 23 -27.93 -10.62 9.25
N PRO Q 1 -28.21 -3.31 -15.83
CA PRO Q 1 -29.15 -3.53 -16.93
C PRO Q 1 -29.14 -4.95 -17.44
N GLU Q 2 -29.62 -5.12 -18.67
CA GLU Q 2 -29.57 -6.41 -19.34
C GLU Q 2 -28.32 -6.60 -20.17
N ALA Q 3 -27.52 -5.53 -20.33
CA ALA Q 3 -26.34 -5.58 -21.18
C ALA Q 3 -25.31 -6.57 -20.67
N LEU Q 4 -25.26 -6.75 -19.34
CA LEU Q 4 -24.44 -7.77 -18.72
C LEU Q 4 -24.72 -9.16 -19.30
N GLU Q 5 -25.99 -9.48 -19.53
CA GLU Q 5 -26.29 -10.78 -20.12
C GLU Q 5 -25.83 -10.86 -21.56
N ARG Q 6 -25.82 -9.73 -22.27
CA ARG Q 6 -25.19 -9.77 -23.58
C ARG Q 6 -23.67 -9.89 -23.46
N LEU Q 7 -23.12 -9.44 -22.34
CA LEU Q 7 -21.73 -9.77 -22.08
C LEU Q 7 -21.57 -11.13 -21.44
N ALA Q 8 -22.67 -11.82 -21.12
CA ALA Q 8 -22.54 -13.19 -20.67
C ALA Q 8 -22.21 -14.14 -21.81
N ALA Q 9 -22.74 -13.87 -23.01
CA ALA Q 9 -22.51 -14.74 -24.16
C ALA Q 9 -21.58 -14.10 -25.18
N ASP Q 10 -20.80 -13.11 -24.77
CA ASP Q 10 -19.73 -12.62 -25.62
C ASP Q 10 -18.73 -13.75 -25.82
N PRO Q 11 -18.33 -14.04 -27.05
CA PRO Q 11 -17.42 -15.17 -27.29
C PRO Q 11 -15.99 -14.99 -26.81
N ASP Q 12 -15.69 -13.97 -26.03
CA ASP Q 12 -14.33 -13.73 -25.59
C ASP Q 12 -14.10 -14.29 -24.19
N ARG Q 13 -12.84 -14.64 -23.92
CA ARG Q 13 -12.47 -15.14 -22.61
C ARG Q 13 -12.47 -14.04 -21.57
N GLU Q 14 -11.66 -13.01 -21.80
CA GLU Q 14 -11.40 -12.01 -20.77
C GLU Q 14 -12.64 -11.20 -20.45
N VAL Q 15 -13.53 -11.06 -21.44
CA VAL Q 15 -14.82 -10.41 -21.21
C VAL Q 15 -15.61 -11.19 -20.19
N ARG Q 16 -15.81 -12.48 -20.43
CA ARG Q 16 -16.61 -13.26 -19.51
C ARG Q 16 -15.91 -13.46 -18.17
N ALA Q 17 -14.58 -13.38 -18.15
CA ALA Q 17 -13.87 -13.45 -16.88
C ALA Q 17 -14.12 -12.21 -16.04
N ALA Q 18 -14.09 -11.03 -16.64
CA ALA Q 18 -14.47 -9.85 -15.88
C ALA Q 18 -15.97 -9.83 -15.57
N VAL Q 19 -16.78 -10.45 -16.43
CA VAL Q 19 -18.20 -10.60 -16.13
C VAL Q 19 -18.39 -11.39 -14.85
N ALA Q 20 -17.75 -12.55 -14.75
CA ALA Q 20 -17.84 -13.36 -13.54
C ALA Q 20 -17.16 -12.70 -12.37
N ARG Q 21 -16.20 -11.80 -12.61
CA ARG Q 21 -15.73 -10.96 -11.53
C ARG Q 21 -16.84 -10.06 -11.00
N ARG Q 22 -17.68 -9.51 -11.88
CA ARG Q 22 -18.79 -8.69 -11.42
C ARG Q 22 -20.15 -9.37 -11.49
N LEU Q 23 -20.22 -10.67 -11.72
CA LEU Q 23 -21.47 -11.44 -11.93
C LEU Q 23 -22.36 -10.90 -13.03
N PRO R 1 -38.23 3.29 0.42
CA PRO R 1 -39.22 2.93 -0.59
C PRO R 1 -39.10 1.48 -1.04
N GLU R 2 -39.64 1.21 -2.22
CA GLU R 2 -39.53 -0.10 -2.83
C GLU R 2 -38.32 -0.21 -3.74
N ALA R 3 -37.64 0.91 -4.02
CA ALA R 3 -36.52 0.94 -4.95
C ALA R 3 -35.38 0.07 -4.47
N LEU R 4 -35.22 -0.04 -3.14
CA LEU R 4 -34.25 -0.96 -2.54
C LEU R 4 -34.44 -2.38 -3.03
N GLU R 5 -35.69 -2.83 -3.16
CA GLU R 5 -35.90 -4.18 -3.66
C GLU R 5 -35.55 -4.29 -5.13
N ARG R 6 -35.68 -3.20 -5.90
CA ARG R 6 -35.15 -3.24 -7.25
C ARG R 6 -33.63 -3.23 -7.23
N LEU R 7 -33.04 -2.67 -6.17
CA LEU R 7 -31.61 -2.85 -5.99
C LEU R 7 -31.27 -4.17 -5.32
N ALA R 8 -32.28 -4.93 -4.90
CA ALA R 8 -31.98 -6.26 -4.39
C ALA R 8 -31.65 -7.22 -5.51
N ALA R 9 -32.28 -7.07 -6.67
CA ALA R 9 -32.06 -7.97 -7.79
C ALA R 9 -31.26 -7.31 -8.91
N ASP R 10 -30.56 -6.23 -8.61
CA ASP R 10 -29.60 -5.67 -9.55
C ASP R 10 -28.51 -6.70 -9.78
N PRO R 11 -28.17 -7.03 -11.03
CA PRO R 11 -27.18 -8.09 -11.27
C PRO R 11 -25.75 -7.75 -10.91
N ASP R 12 -25.50 -6.67 -10.19
CA ASP R 12 -24.13 -6.28 -9.87
C ASP R 12 -23.75 -6.75 -8.47
N ARG R 13 -22.45 -6.96 -8.28
CA ARG R 13 -21.94 -7.37 -6.99
C ARG R 13 -21.97 -6.22 -5.99
N GLU R 14 -21.28 -5.13 -6.33
CA GLU R 14 -21.04 -4.06 -5.37
C GLU R 14 -22.33 -3.35 -4.99
N VAL R 15 -23.30 -3.33 -5.91
CA VAL R 15 -24.62 -2.81 -5.62
C VAL R 15 -25.27 -3.61 -4.51
N ARG R 16 -25.36 -4.92 -4.67
CA ARG R 16 -26.01 -5.72 -3.66
C ARG R 16 -25.21 -5.78 -2.38
N ALA R 17 -23.90 -5.58 -2.45
CA ALA R 17 -23.09 -5.52 -1.24
C ALA R 17 -23.40 -4.28 -0.43
N ALA R 18 -23.53 -3.13 -1.10
CA ALA R 18 -23.96 -1.94 -0.36
C ALA R 18 -25.42 -2.05 0.06
N VAL R 19 -26.24 -2.79 -0.71
CA VAL R 19 -27.61 -3.05 -0.30
C VAL R 19 -27.63 -3.79 1.02
N ALA R 20 -26.88 -4.89 1.12
CA ALA R 20 -26.81 -5.63 2.37
C ALA R 20 -26.11 -4.85 3.46
N ARG R 21 -25.26 -3.88 3.11
CA ARG R 21 -24.80 -2.95 4.12
C ARG R 21 -25.95 -2.13 4.69
N ARG R 22 -26.90 -1.71 3.85
CA ARG R 22 -28.05 -0.98 4.36
C ARG R 22 -29.34 -1.77 4.41
N LEU R 23 -29.30 -3.09 4.25
CA LEU R 23 -30.48 -3.97 4.17
C LEU R 23 -31.49 -3.58 3.12
N PRO S 1 -27.97 -13.46 -9.64
CA PRO S 1 -28.99 -14.10 -10.47
C PRO S 1 -28.68 -15.55 -10.77
N GLU S 2 -29.29 -16.06 -11.83
CA GLU S 2 -29.02 -17.40 -12.30
C GLU S 2 -27.92 -17.44 -13.35
N ALA S 3 -27.48 -16.26 -13.83
CA ALA S 3 -26.49 -16.19 -14.90
C ALA S 3 -25.17 -16.79 -14.48
N LEU S 4 -24.85 -16.71 -13.18
CA LEU S 4 -23.68 -17.37 -12.62
C LEU S 4 -23.67 -18.85 -12.92
N GLU S 5 -24.83 -19.51 -12.84
CA GLU S 5 -24.87 -20.93 -13.16
C GLU S 5 -24.66 -21.17 -14.64
N ARG S 6 -25.06 -20.23 -15.49
CA ARG S 6 -24.68 -20.36 -16.89
C ARG S 6 -23.20 -20.09 -17.07
N LEU S 7 -22.60 -19.33 -16.17
CA LEU S 7 -21.15 -19.26 -16.16
C LEU S 7 -20.52 -20.40 -15.40
N ALA S 8 -21.32 -21.25 -14.76
CA ALA S 8 -20.75 -22.44 -14.15
C ALA S 8 -20.38 -23.48 -15.20
N ALA S 9 -21.15 -23.58 -16.27
CA ALA S 9 -20.90 -24.57 -17.32
C ALA S 9 -20.37 -23.94 -18.59
N ASP S 10 -19.83 -22.74 -18.51
CA ASP S 10 -19.09 -22.16 -19.62
C ASP S 10 -17.87 -23.04 -19.88
N PRO S 11 -17.62 -23.46 -21.12
CA PRO S 11 -16.50 -24.37 -21.37
C PRO S 11 -15.12 -23.76 -21.24
N ASP S 12 -14.97 -22.58 -20.69
CA ASP S 12 -13.67 -21.94 -20.59
C ASP S 12 -13.06 -22.15 -19.21
N ARG S 13 -11.73 -22.13 -19.18
CA ARG S 13 -11.02 -22.28 -17.91
C ARG S 13 -11.13 -21.03 -17.06
N GLU S 14 -10.68 -19.89 -17.60
CA GLU S 14 -10.53 -18.68 -16.81
C GLU S 14 -11.88 -18.16 -16.34
N VAL S 15 -12.92 -18.41 -17.12
CA VAL S 15 -14.28 -18.07 -16.72
C VAL S 15 -14.65 -18.80 -15.45
N ARG S 16 -14.53 -20.12 -15.46
CA ARG S 16 -14.92 -20.88 -14.28
C ARG S 16 -13.98 -20.64 -13.12
N ALA S 17 -12.73 -20.26 -13.39
CA ALA S 17 -11.82 -19.91 -12.30
C ALA S 17 -12.24 -18.63 -11.60
N ALA S 18 -12.64 -17.61 -12.37
CA ALA S 18 -13.19 -16.44 -11.72
C ALA S 18 -14.55 -16.70 -11.10
N VAL S 19 -15.31 -17.66 -11.66
CA VAL S 19 -16.56 -18.09 -11.05
C VAL S 19 -16.30 -18.64 -9.67
N ALA S 20 -15.37 -19.57 -9.55
CA ALA S 20 -15.04 -20.13 -8.25
C ALA S 20 -14.37 -19.12 -7.35
N ARG S 21 -13.74 -18.08 -7.92
CA ARG S 21 -13.34 -16.97 -7.08
C ARG S 21 -14.55 -16.27 -6.47
N ARG S 22 -15.63 -16.11 -7.21
CA ARG S 22 -16.84 -15.52 -6.63
C ARG S 22 -17.95 -16.49 -6.32
N LEU S 23 -17.71 -17.79 -6.34
CA LEU S 23 -18.71 -18.86 -6.18
C LEU S 23 -19.89 -18.77 -7.12
N PRO T 1 -36.21 13.82 -4.59
CA PRO T 1 -37.02 13.87 -5.81
C PRO T 1 -37.16 12.51 -6.48
N GLU T 2 -37.49 12.53 -7.76
CA GLU T 2 -37.56 11.33 -8.57
C GLU T 2 -36.24 11.03 -9.26
N ALA T 3 -35.29 11.96 -9.22
CA ALA T 3 -34.02 11.81 -9.93
C ALA T 3 -33.22 10.62 -9.42
N LEU T 4 -33.38 10.31 -8.13
CA LEU T 4 -32.80 9.11 -7.55
C LEU T 4 -33.20 7.85 -8.31
N GLU T 5 -34.47 7.76 -8.72
CA GLU T 5 -34.88 6.59 -9.48
C GLU T 5 -34.26 6.59 -10.86
N ARG T 6 -33.99 7.76 -11.44
CA ARG T 6 -33.20 7.75 -12.66
C ARG T 6 -31.76 7.37 -12.38
N LEU T 7 -31.28 7.61 -11.16
CA LEU T 7 -30.00 7.04 -10.79
C LEU T 7 -30.14 5.61 -10.31
N ALA T 8 -31.36 5.09 -10.19
CA ALA T 8 -31.49 3.67 -9.88
C ALA T 8 -31.16 2.80 -11.09
N ALA T 9 -31.49 3.26 -12.29
CA ALA T 9 -31.25 2.50 -13.51
C ALA T 9 -30.10 3.06 -14.34
N ASP T 10 -29.25 3.87 -13.73
CA ASP T 10 -28.01 4.28 -14.39
C ASP T 10 -27.17 3.03 -14.61
N PRO T 11 -26.67 2.79 -15.82
CA PRO T 11 -25.92 1.55 -16.08
C PRO T 11 -24.55 1.46 -15.43
N ASP T 12 -24.21 2.33 -14.50
CA ASP T 12 -22.90 2.31 -13.89
C ASP T 12 -22.93 1.59 -12.55
N ARG T 13 -21.78 1.01 -12.18
CA ARG T 13 -21.65 0.32 -10.91
C ARG T 13 -21.62 1.30 -9.75
N GLU T 14 -20.65 2.22 -9.77
CA GLU T 14 -20.38 3.05 -8.61
C GLU T 14 -21.51 4.02 -8.34
N VAL T 15 -22.24 4.40 -9.39
CA VAL T 15 -23.43 5.21 -9.24
C VAL T 15 -24.47 4.48 -8.40
N ARG T 16 -24.81 3.27 -8.82
CA ARG T 16 -25.84 2.54 -8.09
C ARG T 16 -25.35 2.11 -6.72
N ALA T 17 -24.04 1.96 -6.53
CA ALA T 17 -23.51 1.65 -5.21
C ALA T 17 -23.68 2.83 -4.26
N ALA T 18 -23.40 4.05 -4.72
CA ALA T 18 -23.70 5.18 -3.87
C ALA T 18 -25.20 5.43 -3.73
N VAL T 19 -25.98 5.02 -4.74
CA VAL T 19 -27.43 5.07 -4.62
C VAL T 19 -27.90 4.20 -3.48
N ALA T 20 -27.46 2.95 -3.45
CA ALA T 20 -27.82 2.06 -2.35
C ALA T 20 -27.20 2.48 -1.04
N ARG T 21 -26.10 3.23 -1.06
CA ARG T 21 -25.66 3.88 0.15
C ARG T 21 -26.68 4.89 0.65
N ARG T 22 -27.30 5.65 -0.24
CA ARG T 22 -28.34 6.58 0.19
C ARG T 22 -29.76 6.15 -0.12
N LEU T 23 -29.99 4.90 -0.50
CA LEU T 23 -31.29 4.37 -0.93
C LEU T 23 -31.95 5.15 -2.06
N PRO U 1 -24.11 -21.86 -2.39
CA PRO U 1 -25.03 -22.87 -2.90
C PRO U 1 -24.39 -24.23 -3.04
N GLU U 2 -25.01 -25.06 -3.86
CA GLU U 2 -24.46 -26.37 -4.19
C GLU U 2 -23.58 -26.35 -5.43
N ALA U 3 -23.55 -25.22 -6.14
CA ALA U 3 -22.81 -25.12 -7.39
C ALA U 3 -21.32 -25.30 -7.17
N LEU U 4 -20.83 -24.90 -5.99
CA LEU U 4 -19.45 -25.14 -5.58
C LEU U 4 -19.09 -26.62 -5.67
N GLU U 5 -20.00 -27.49 -5.25
CA GLU U 5 -19.71 -28.91 -5.34
C GLU U 5 -19.69 -29.39 -6.79
N ARG U 6 -20.45 -28.75 -7.67
CA ARG U 6 -20.29 -29.05 -9.08
C ARG U 6 -18.98 -28.48 -9.59
N LEU U 7 -18.47 -27.43 -8.96
CA LEU U 7 -17.11 -27.03 -9.26
C LEU U 7 -16.09 -27.82 -8.48
N ALA U 8 -16.51 -28.70 -7.57
CA ALA U 8 -15.55 -29.58 -6.93
C ALA U 8 -15.09 -30.68 -7.87
N ALA U 9 -15.97 -31.16 -8.74
CA ALA U 9 -15.64 -32.24 -9.66
C ALA U 9 -15.50 -31.77 -11.09
N ASP U 10 -15.30 -30.48 -11.29
CA ASP U 10 -14.92 -29.98 -12.60
C ASP U 10 -13.57 -30.56 -12.97
N PRO U 11 -13.42 -31.15 -14.16
CA PRO U 11 -12.15 -31.80 -14.50
C PRO U 11 -10.98 -30.87 -14.75
N ASP U 12 -11.08 -29.60 -14.41
CA ASP U 12 -10.00 -28.67 -14.68
C ASP U 12 -9.13 -28.45 -13.44
N ARG U 13 -7.87 -28.12 -13.68
CA ARG U 13 -6.95 -27.84 -12.58
C ARG U 13 -7.26 -26.52 -11.92
N GLU U 14 -7.23 -25.44 -12.70
CA GLU U 14 -7.28 -24.09 -12.13
C GLU U 14 -8.62 -23.81 -11.48
N VAL U 15 -9.68 -24.46 -11.99
CA VAL U 15 -10.99 -24.37 -11.37
C VAL U 15 -10.95 -24.91 -9.96
N ARG U 16 -10.47 -26.14 -9.80
CA ARG U 16 -10.46 -26.74 -8.48
C ARG U 16 -9.44 -26.06 -7.58
N ALA U 17 -8.41 -25.45 -8.15
CA ALA U 17 -7.45 -24.70 -7.33
C ALA U 17 -8.10 -23.45 -6.75
N ALA U 18 -8.87 -22.71 -7.56
CA ALA U 18 -9.60 -21.60 -6.99
C ALA U 18 -10.73 -22.06 -6.08
N VAL U 19 -11.27 -23.25 -6.33
CA VAL U 19 -12.25 -23.84 -5.42
C VAL U 19 -11.64 -24.03 -4.05
N ALA U 20 -10.48 -24.69 -3.99
CA ALA U 20 -9.80 -24.88 -2.72
C ALA U 20 -9.29 -23.58 -2.13
N ARG U 21 -9.07 -22.56 -2.96
CA ARG U 21 -8.85 -21.24 -2.40
C ARG U 21 -10.09 -20.74 -1.66
N ARG U 22 -11.29 -20.99 -2.17
CA ARG U 22 -12.50 -20.59 -1.46
C ARG U 22 -13.25 -21.73 -0.79
N LEU U 23 -12.66 -22.91 -0.67
CA LEU U 23 -13.31 -24.13 -0.14
C LEU U 23 -14.60 -24.52 -0.83
N PRO V 1 -30.73 24.06 -6.82
CA PRO V 1 -31.25 24.49 -8.12
C PRO V 1 -31.56 23.35 -9.05
N GLU V 2 -31.62 23.64 -10.34
CA GLU V 2 -31.81 22.63 -11.37
C GLU V 2 -30.49 22.08 -11.89
N ALA V 3 -29.37 22.71 -11.51
CA ALA V 3 -28.06 22.32 -12.03
C ALA V 3 -27.70 20.90 -11.64
N LEU V 4 -28.17 20.45 -10.48
CA LEU V 4 -28.03 19.06 -10.05
C LEU V 4 -28.56 18.09 -11.09
N GLU V 5 -29.71 18.41 -11.70
CA GLU V 5 -30.22 17.52 -12.73
C GLU V 5 -29.36 17.55 -13.98
N ARG V 6 -28.70 18.66 -14.27
CA ARG V 6 -27.71 18.63 -15.33
C ARG V 6 -26.49 17.83 -14.90
N LEU V 7 -26.22 17.76 -13.61
CA LEU V 7 -25.22 16.81 -13.15
C LEU V 7 -25.79 15.41 -12.98
N ALA V 8 -27.09 15.23 -13.15
CA ALA V 8 -27.62 13.88 -13.16
C ALA V 8 -27.27 13.14 -14.43
N ALA V 9 -27.23 13.84 -15.57
CA ALA V 9 -26.94 13.22 -16.85
C ALA V 9 -25.56 13.56 -17.37
N ASP V 10 -24.67 14.01 -16.49
CA ASP V 10 -23.27 14.16 -16.85
C ASP V 10 -22.72 12.77 -17.17
N PRO V 11 -22.06 12.58 -18.32
CA PRO V 11 -21.59 11.24 -18.68
C PRO V 11 -20.45 10.69 -17.85
N ASP V 12 -20.10 11.29 -16.74
CA ASP V 12 -18.98 10.82 -15.94
C ASP V 12 -19.46 9.95 -14.78
N ARG V 13 -18.57 9.04 -14.36
CA ARG V 13 -18.88 8.17 -13.24
C ARG V 13 -18.85 8.93 -11.93
N GLU V 14 -17.71 9.53 -11.62
CA GLU V 14 -17.48 10.09 -10.28
C GLU V 14 -18.39 11.28 -10.02
N VAL V 15 -18.76 11.99 -11.08
CA VAL V 15 -19.74 13.07 -10.97
C VAL V 15 -21.06 12.53 -10.46
N ARG V 16 -21.60 11.52 -11.14
CA ARG V 16 -22.90 11.00 -10.74
C ARG V 16 -22.82 10.26 -9.41
N ALA V 17 -21.64 9.75 -9.05
CA ALA V 17 -21.48 9.11 -7.75
C ALA V 17 -21.56 10.14 -6.63
N ALA V 18 -20.90 11.29 -6.80
CA ALA V 18 -21.07 12.34 -5.81
C ALA V 18 -22.46 12.94 -5.87
N VAL V 19 -23.10 12.93 -7.04
CA VAL V 19 -24.50 13.35 -7.14
C VAL V 19 -25.38 12.48 -6.28
N ALA V 20 -25.27 11.17 -6.41
CA ALA V 20 -26.04 10.26 -5.59
C ALA V 20 -25.62 10.30 -4.14
N ARG V 21 -24.39 10.72 -3.84
CA ARG V 21 -24.07 11.04 -2.47
C ARG V 21 -24.89 12.21 -1.95
N ARG V 22 -25.12 13.23 -2.77
CA ARG V 22 -25.97 14.34 -2.34
C ARG V 22 -27.36 14.36 -2.94
N LEU V 23 -27.80 13.28 -3.59
CA LEU V 23 -29.08 13.21 -4.31
C LEU V 23 -29.29 14.28 -5.37
N PRO W 1 -17.05 -27.28 5.15
CA PRO W 1 -17.76 -28.55 5.02
C PRO W 1 -16.82 -29.74 4.97
N GLU W 2 -17.32 -30.84 4.44
CA GLU W 2 -16.51 -32.03 4.22
C GLU W 2 -15.88 -32.07 2.84
N ALA W 3 -16.27 -31.14 1.96
CA ALA W 3 -15.79 -31.13 0.59
C ALA W 3 -14.29 -30.92 0.51
N LEU W 4 -13.74 -30.18 1.49
CA LEU W 4 -12.30 -30.02 1.62
C LEU W 4 -11.59 -31.37 1.70
N GLU W 5 -12.15 -32.31 2.44
CA GLU W 5 -11.52 -33.62 2.51
C GLU W 5 -11.62 -34.36 1.20
N ARG W 6 -12.66 -34.12 0.41
CA ARG W 6 -12.65 -34.66 -0.94
C ARG W 6 -11.64 -33.93 -1.81
N LEU W 7 -11.32 -32.68 -1.48
CA LEU W 7 -10.19 -32.05 -2.11
C LEU W 7 -8.87 -32.42 -1.44
N ALA W 8 -8.91 -33.15 -0.34
CA ALA W 8 -7.67 -33.65 0.21
C ALA W 8 -7.08 -34.79 -0.61
N ALA W 9 -7.93 -35.63 -1.18
CA ALA W 9 -7.50 -36.77 -1.96
C ALA W 9 -7.71 -36.58 -3.46
N ASP W 10 -7.90 -35.36 -3.91
CA ASP W 10 -7.89 -35.06 -5.32
C ASP W 10 -6.51 -35.41 -5.87
N PRO W 11 -6.41 -36.17 -6.95
CA PRO W 11 -5.09 -36.58 -7.45
C PRO W 11 -4.26 -35.48 -8.08
N ASP W 12 -4.62 -34.21 -7.94
CA ASP W 12 -3.88 -33.14 -8.57
C ASP W 12 -2.92 -32.49 -7.59
N ARG W 13 -1.83 -31.94 -8.15
CA ARG W 13 -0.85 -31.24 -7.33
C ARG W 13 -1.38 -29.92 -6.83
N GLU W 14 -1.76 -29.04 -7.76
CA GLU W 14 -2.07 -27.65 -7.42
C GLU W 14 -3.31 -27.55 -6.56
N VAL W 15 -4.23 -28.51 -6.72
CA VAL W 15 -5.40 -28.59 -5.86
C VAL W 15 -4.98 -28.81 -4.42
N ARG W 16 -4.19 -29.84 -4.18
CA ARG W 16 -3.79 -30.12 -2.81
C ARG W 16 -2.86 -29.07 -2.25
N ALA W 17 -2.13 -28.37 -3.12
CA ALA W 17 -1.29 -27.27 -2.66
C ALA W 17 -2.12 -26.10 -2.17
N ALA W 18 -3.18 -25.75 -2.90
CA ALA W 18 -4.08 -24.73 -2.37
C ALA W 18 -4.88 -25.23 -1.19
N VAL W 19 -5.13 -26.54 -1.12
CA VAL W 19 -5.75 -27.13 0.06
C VAL W 19 -4.90 -26.90 1.28
N ALA W 20 -3.61 -27.25 1.20
CA ALA W 20 -2.71 -27.02 2.31
C ALA W 20 -2.47 -25.55 2.56
N ARG W 21 -2.65 -24.70 1.56
CA ARG W 21 -2.70 -23.27 1.84
C ARG W 21 -3.89 -22.93 2.74
N ARG W 22 -5.05 -23.53 2.53
CA ARG W 22 -6.18 -23.28 3.41
C ARG W 22 -6.50 -24.39 4.39
N LEU W 23 -5.60 -25.36 4.57
CA LEU W 23 -5.82 -26.56 5.41
C LEU W 23 -7.07 -27.36 5.08
N PRO X 1 -22.86 32.62 -6.26
CA PRO X 1 -22.98 33.37 -7.51
C PRO X 1 -23.34 32.47 -8.68
N GLU X 2 -23.05 32.96 -9.89
CA GLU X 2 -23.25 32.18 -11.10
C GLU X 2 -22.00 31.40 -11.49
N ALA X 3 -20.87 31.65 -10.81
CA ALA X 3 -19.61 31.02 -11.17
C ALA X 3 -19.66 29.51 -11.00
N LEU X 4 -20.48 29.04 -10.04
CA LEU X 4 -20.73 27.62 -9.86
C LEU X 4 -21.24 26.98 -11.14
N GLU X 5 -22.12 27.66 -11.87
CA GLU X 5 -22.60 27.08 -13.12
C GLU X 5 -21.51 27.06 -14.18
N ARG X 6 -20.57 28.01 -14.12
CA ARG X 6 -19.41 27.86 -15.00
C ARG X 6 -18.52 26.73 -14.53
N LEU X 7 -18.55 26.41 -13.24
CA LEU X 7 -17.91 25.18 -12.81
C LEU X 7 -18.80 23.97 -13.00
N ALA X 8 -20.04 24.15 -13.42
CA ALA X 8 -20.86 23.00 -13.77
C ALA X 8 -20.42 22.38 -15.10
N ALA X 9 -19.99 23.19 -16.05
CA ALA X 9 -19.58 22.71 -17.36
C ALA X 9 -18.07 22.76 -17.56
N ASP X 10 -17.31 22.84 -16.48
CA ASP X 10 -15.87 22.67 -16.56
C ASP X 10 -15.60 21.25 -17.04
N PRO X 11 -14.77 21.06 -18.07
CA PRO X 11 -14.55 19.70 -18.60
C PRO X 11 -13.75 18.76 -17.70
N ASP X 12 -13.52 19.09 -16.45
CA ASP X 12 -12.73 18.25 -15.58
C ASP X 12 -13.63 17.37 -14.71
N ARG X 13 -13.08 16.21 -14.32
CA ARG X 13 -13.80 15.30 -13.45
C ARG X 13 -13.88 15.83 -12.03
N GLU X 14 -12.72 16.07 -11.42
CA GLU X 14 -12.66 16.35 -9.99
C GLU X 14 -13.31 17.68 -9.67
N VAL X 15 -13.29 18.62 -10.63
CA VAL X 15 -13.99 19.87 -10.47
C VAL X 15 -15.48 19.64 -10.32
N ARG X 16 -16.08 18.91 -11.26
CA ARG X 16 -17.51 18.69 -11.18
C ARG X 16 -17.88 17.77 -10.02
N ALA X 17 -16.95 16.93 -9.57
CA ALA X 17 -17.22 16.10 -8.40
C ALA X 17 -17.30 16.94 -7.15
N ALA X 18 -16.38 17.89 -6.98
CA ALA X 18 -16.52 18.80 -5.85
C ALA X 18 -17.70 19.75 -6.02
N VAL X 19 -18.06 20.06 -7.27
CA VAL X 19 -19.26 20.84 -7.54
C VAL X 19 -20.48 20.11 -7.00
N ALA X 20 -20.64 18.85 -7.37
CA ALA X 20 -21.76 18.06 -6.87
C ALA X 20 -21.66 17.79 -5.38
N ARG X 21 -20.45 17.83 -4.82
CA ARG X 21 -20.35 17.85 -3.37
C ARG X 21 -20.99 19.12 -2.79
N ARG X 22 -20.81 20.27 -3.43
CA ARG X 22 -21.45 21.48 -2.94
C ARG X 22 -22.64 21.95 -3.76
N LEU X 23 -23.17 21.12 -4.66
CA LEU X 23 -24.26 21.48 -5.60
C LEU X 23 -23.99 22.71 -6.44
N PRO Y 1 -7.59 -29.72 11.62
CA PRO Y 1 -7.93 -31.13 11.81
C PRO Y 1 -6.74 -32.05 11.72
N GLU Y 2 -7.00 -33.32 11.45
CA GLU Y 2 -5.95 -34.29 11.24
C GLU Y 2 -5.57 -34.42 9.78
N ALA Y 3 -6.33 -33.79 8.87
CA ALA Y 3 -6.09 -33.91 7.44
C ALA Y 3 -4.74 -33.37 7.04
N LEU Y 4 -4.26 -32.35 7.78
CA LEU Y 4 -2.91 -31.82 7.59
C LEU Y 4 -1.85 -32.92 7.71
N GLU Y 5 -2.02 -33.83 8.66
CA GLU Y 5 -1.05 -34.92 8.78
C GLU Y 5 -1.16 -35.88 7.61
N ARG Y 6 -2.35 -36.04 7.03
CA ARG Y 6 -2.40 -36.80 5.78
C ARG Y 6 -1.78 -36.01 4.65
N LEU Y 7 -1.76 -34.69 4.75
CA LEU Y 7 -0.95 -33.92 3.82
C LEU Y 7 0.50 -33.84 4.25
N ALA Y 8 0.84 -34.36 5.42
CA ALA Y 8 2.25 -34.43 5.77
C ALA Y 8 2.96 -35.53 5.01
N ALA Y 9 2.30 -36.63 4.73
CA ALA Y 9 2.90 -37.76 4.04
C ALA Y 9 2.40 -37.89 2.61
N ASP Y 10 1.83 -36.84 2.05
CA ASP Y 10 1.52 -36.82 0.63
C ASP Y 10 2.83 -36.90 -0.14
N PRO Y 11 2.97 -37.81 -1.11
CA PRO Y 11 4.25 -37.97 -1.80
C PRO Y 11 4.64 -36.84 -2.73
N ASP Y 12 3.98 -35.69 -2.69
CA ASP Y 12 4.29 -34.61 -3.59
C ASP Y 12 5.18 -33.58 -2.92
N ARG Y 13 5.98 -32.88 -3.74
CA ARG Y 13 6.85 -31.84 -3.24
C ARG Y 13 6.07 -30.61 -2.82
N GLU Y 14 5.32 -30.03 -3.76
CA GLU Y 14 4.72 -28.73 -3.55
C GLU Y 14 3.65 -28.78 -2.48
N VAL Y 15 3.00 -29.93 -2.33
CA VAL Y 15 2.05 -30.15 -1.25
C VAL Y 15 2.73 -29.99 0.09
N ARG Y 16 3.81 -30.74 0.31
CA ARG Y 16 4.47 -30.67 1.60
C ARG Y 16 5.17 -29.34 1.81
N ALA Y 17 5.54 -28.65 0.72
CA ALA Y 17 6.12 -27.32 0.86
C ALA Y 17 5.08 -26.32 1.35
N ALA Y 18 3.87 -26.36 0.80
CA ALA Y 18 2.83 -25.51 1.36
C ALA Y 18 2.39 -25.98 2.75
N VAL Y 19 2.52 -27.28 3.03
CA VAL Y 19 2.27 -27.78 4.38
C VAL Y 19 3.22 -27.13 5.36
N ALA Y 20 4.51 -27.17 5.07
CA ALA Y 20 5.50 -26.53 5.94
C ALA Y 20 5.37 -25.02 5.94
N ARG Y 21 4.79 -24.44 4.89
CA ARG Y 21 4.41 -23.04 4.99
C ARG Y 21 3.34 -22.83 6.05
N ARG Y 22 2.37 -23.73 6.17
CA ARG Y 22 1.37 -23.60 7.21
C ARG Y 22 1.53 -24.56 8.38
N LEU Y 23 2.67 -25.24 8.50
CA LEU Y 23 2.92 -26.28 9.51
C LEU Y 23 1.90 -27.40 9.55
N PRO Z 1 -13.63 38.56 -2.50
CA PRO Z 1 -13.31 39.48 -3.58
C PRO Z 1 -13.59 38.92 -4.95
N GLU Z 2 -12.96 39.50 -5.95
CA GLU Z 2 -13.05 39.01 -7.32
C GLU Z 2 -11.95 38.01 -7.65
N ALA Z 3 -10.97 37.85 -6.75
CA ALA Z 3 -9.82 36.98 -7.02
C ALA Z 3 -10.24 35.53 -7.18
N LEU Z 4 -11.32 35.14 -6.48
CA LEU Z 4 -11.93 33.82 -6.65
C LEU Z 4 -12.27 33.55 -8.11
N GLU Z 5 -12.80 34.54 -8.82
CA GLU Z 5 -13.11 34.32 -10.22
C GLU Z 5 -11.86 34.19 -11.06
N ARG Z 6 -10.76 34.84 -10.66
CA ARG Z 6 -9.51 34.54 -11.33
C ARG Z 6 -9.01 33.16 -10.96
N LEU Z 7 -9.39 32.66 -9.80
CA LEU Z 7 -9.14 31.25 -9.53
C LEU Z 7 -10.21 30.36 -10.11
N ALA Z 8 -11.26 30.92 -10.70
CA ALA Z 8 -12.21 30.08 -11.41
C ALA Z 8 -11.65 29.60 -12.73
N ALA Z 9 -10.86 30.41 -13.41
CA ALA Z 9 -10.29 30.05 -14.71
C ALA Z 9 -8.81 29.76 -14.64
N ASP Z 10 -8.29 29.46 -13.45
CA ASP Z 10 -6.95 28.94 -13.32
C ASP Z 10 -6.89 27.60 -14.03
N PRO Z 11 -5.92 27.36 -14.93
CA PRO Z 11 -5.89 26.11 -15.68
C PRO Z 11 -5.53 24.87 -14.89
N ASP Z 12 -5.51 24.92 -13.57
CA ASP Z 12 -5.14 23.77 -12.77
C ASP Z 12 -6.36 23.02 -12.27
N ARG Z 13 -6.18 21.71 -12.05
CA ARG Z 13 -7.26 20.89 -11.52
C ARG Z 13 -7.51 21.19 -10.06
N GLU Z 14 -6.49 21.01 -9.22
CA GLU Z 14 -6.67 21.04 -7.78
C GLU Z 14 -7.07 22.42 -7.29
N VAL Z 15 -6.64 23.46 -8.01
CA VAL Z 15 -7.08 24.82 -7.73
C VAL Z 15 -8.57 24.93 -7.88
N ARG Z 16 -9.10 24.55 -9.03
CA ARG Z 16 -10.53 24.70 -9.25
C ARG Z 16 -11.33 23.73 -8.39
N ALA Z 17 -10.73 22.61 -7.98
CA ALA Z 17 -11.41 21.70 -7.08
C ALA Z 17 -11.57 22.32 -5.69
N ALA Z 18 -10.53 22.97 -5.18
CA ALA Z 18 -10.70 23.69 -3.92
C ALA Z 18 -11.57 24.92 -4.09
N VAL Z 19 -11.59 25.51 -5.29
CA VAL Z 19 -12.51 26.60 -5.59
C VAL Z 19 -13.95 26.14 -5.43
N ALA Z 20 -14.30 25.03 -6.08
CA ALA Z 20 -15.63 24.48 -5.95
C ALA Z 20 -15.92 23.96 -4.55
N ARG Z 21 -14.88 23.60 -3.80
CA ARG Z 21 -15.09 23.37 -2.38
C ARG Z 21 -15.55 24.63 -1.67
N ARG Z 22 -14.98 25.79 -2.01
CA ARG Z 22 -15.43 27.03 -1.40
C ARG Z 22 -16.29 27.92 -2.29
N LEU Z 23 -16.78 27.40 -3.42
CA LEU Z 23 -17.53 28.17 -4.43
C LEU Z 23 -16.84 29.41 -4.94
N PRO AA 1 2.99 -28.31 16.27
CA PRO AA 1 3.07 -29.69 16.75
C PRO AA 1 4.44 -30.30 16.58
N GLU AA 2 4.48 -31.63 16.58
CA GLU AA 2 5.72 -32.36 16.33
C GLU AA 2 5.89 -32.69 14.85
N ALA AA 3 4.86 -32.45 14.04
CA ALA AA 3 4.90 -32.82 12.62
C ALA AA 3 5.98 -32.06 11.87
N LEU AA 4 6.28 -30.84 12.31
CA LEU AA 4 7.39 -30.06 11.79
C LEU AA 4 8.70 -30.84 11.87
N GLU AA 5 8.93 -31.54 12.98
CA GLU AA 5 10.17 -32.31 13.06
C GLU AA 5 10.15 -33.50 12.12
N ARG AA 6 8.97 -34.06 11.82
CA ARG AA 6 8.92 -35.04 10.75
C ARG AA 6 9.14 -34.39 9.40
N LEU AA 7 8.81 -33.11 9.27
CA LEU AA 7 9.24 -32.40 8.08
C LEU AA 7 10.66 -31.88 8.20
N ALA AA 8 11.31 -32.04 9.35
CA ALA AA 8 12.72 -31.71 9.42
C ALA AA 8 13.58 -32.74 8.71
N ALA AA 9 13.19 -34.02 8.76
CA ALA AA 9 13.96 -35.09 8.15
C ALA AA 9 13.30 -35.64 6.89
N ASP AA 10 12.38 -34.89 6.30
CA ASP AA 10 11.87 -35.23 4.99
C ASP AA 10 13.03 -35.17 4.00
N PRO AA 11 13.24 -36.20 3.18
CA PRO AA 11 14.41 -36.20 2.28
C PRO AA 11 14.33 -35.23 1.11
N ASP AA 12 13.41 -34.28 1.11
CA ASP AA 12 13.27 -33.37 0.00
C ASP AA 12 13.96 -32.05 0.29
N ARG AA 13 14.39 -31.38 -0.77
CA ARG AA 13 15.03 -30.08 -0.64
C ARG AA 13 14.02 -29.01 -0.28
N GLU AA 14 13.01 -28.82 -1.13
CA GLU AA 14 12.12 -27.68 -1.02
C GLU AA 14 11.28 -27.75 0.24
N VAL AA 15 11.00 -28.97 0.70
CA VAL AA 15 10.32 -29.17 1.98
C VAL AA 15 11.13 -28.58 3.11
N ARG AA 16 12.38 -28.99 3.22
CA ARG AA 16 13.20 -28.50 4.32
C ARG AA 16 13.54 -27.03 4.16
N ALA AA 17 13.53 -26.52 2.93
CA ALA AA 17 13.75 -25.10 2.73
C ALA AA 17 12.58 -24.28 3.25
N ALA AA 18 11.35 -24.72 2.98
CA ALA AA 18 10.22 -24.04 3.58
C ALA AA 18 10.14 -24.29 5.08
N VAL AA 19 10.65 -25.43 5.54
CA VAL AA 19 10.75 -25.68 6.97
C VAL AA 19 11.64 -24.65 7.63
N ALA AA 20 12.83 -24.44 7.10
CA ALA AA 20 13.72 -23.43 7.63
C ALA AA 20 13.20 -22.02 7.41
N ARG AA 21 12.34 -21.82 6.42
CA ARG AA 21 11.62 -20.56 6.36
C ARG AA 21 10.71 -20.39 7.56
N ARG AA 22 10.04 -21.45 8.01
CA ARG AA 22 9.21 -21.34 9.21
C ARG AA 22 9.80 -21.97 10.46
N LEU AA 23 11.08 -22.32 10.46
CA LEU AA 23 11.76 -23.05 11.56
C LEU AA 23 11.09 -24.34 11.98
N PRO BA 1 -4.00 41.26 3.55
CA PRO BA 1 -3.23 42.22 2.76
C PRO BA 1 -3.31 41.94 1.27
N GLU BA 2 -2.34 42.46 0.54
CA GLU BA 2 -2.23 42.20 -0.89
C GLU BA 2 -1.35 41.00 -1.20
N ALA BA 3 -0.68 40.45 -0.18
CA ALA BA 3 0.25 39.33 -0.38
C ALA BA 3 -0.46 38.10 -0.89
N LEU BA 4 -1.73 37.93 -0.52
CA LEU BA 4 -2.57 36.87 -1.05
C LEU BA 4 -2.62 36.90 -2.57
N GLU BA 5 -2.72 38.09 -3.16
CA GLU BA 5 -2.74 38.17 -4.61
C GLU BA 5 -1.39 37.81 -5.21
N ARG BA 6 -0.30 38.07 -4.48
CA ARG BA 6 0.97 37.53 -4.95
C ARG BA 6 1.03 36.02 -4.77
N LEU BA 7 0.26 35.48 -3.82
CA LEU BA 7 0.11 34.05 -3.78
C LEU BA 7 -0.98 33.57 -4.73
N ALA BA 8 -1.70 34.48 -5.38
CA ALA BA 8 -2.63 34.05 -6.41
C ALA BA 8 -1.91 33.61 -7.67
N ALA BA 9 -0.80 34.27 -8.01
CA ALA BA 9 -0.06 33.95 -9.22
C ALA BA 9 1.25 33.23 -8.93
N ASP BA 10 1.39 32.66 -7.75
CA ASP BA 10 2.51 31.76 -7.48
C ASP BA 10 2.40 30.57 -8.41
N PRO BA 11 3.47 30.20 -9.13
CA PRO BA 11 3.36 29.11 -10.09
C PRO BA 11 3.21 27.72 -9.51
N ASP BA 12 2.93 27.58 -8.23
CA ASP BA 12 2.83 26.27 -7.61
C ASP BA 12 1.38 25.82 -7.50
N ARG BA 13 1.18 24.50 -7.51
CA ARG BA 13 -0.16 23.95 -7.37
C ARG BA 13 -0.67 24.10 -5.95
N GLU BA 14 0.05 23.53 -4.99
CA GLU BA 14 -0.45 23.42 -3.63
C GLU BA 14 -0.61 24.77 -2.97
N VAL BA 15 0.22 25.73 -3.38
CA VAL BA 15 0.08 27.11 -2.91
C VAL BA 15 -1.28 27.66 -3.32
N ARG BA 16 -1.59 27.60 -4.60
CA ARG BA 16 -2.85 28.17 -5.06
C ARG BA 16 -4.04 27.35 -4.57
N ALA BA 17 -3.84 26.06 -4.28
CA ALA BA 17 -4.92 25.26 -3.72
C ALA BA 17 -5.24 25.70 -2.29
N ALA BA 18 -4.22 25.95 -1.48
CA ALA BA 18 -4.50 26.52 -0.17
C ALA BA 18 -4.99 27.95 -0.25
N VAL BA 19 -4.58 28.68 -1.29
CA VAL BA 19 -5.12 30.01 -1.54
C VAL BA 19 -6.61 29.95 -1.75
N ALA BA 20 -7.06 29.09 -2.65
CA ALA BA 20 -8.49 28.93 -2.89
C ALA BA 20 -9.20 28.31 -1.71
N ARG BA 21 -8.49 27.58 -0.85
CA ARG BA 21 -9.08 27.22 0.43
C ARG BA 21 -9.36 28.44 1.27
N ARG BA 22 -8.48 29.44 1.27
CA ARG BA 22 -8.75 30.66 2.02
C ARG BA 22 -9.13 31.86 1.17
N LEU BA 23 -9.45 31.68 -0.11
CA LEU BA 23 -9.73 32.75 -1.08
C LEU BA 23 -8.65 33.81 -1.19
N PRO CA 1 13.50 -23.70 18.43
CA PRO CA 1 13.99 -24.91 19.08
C PRO CA 1 15.43 -25.22 18.72
N GLU CA 2 15.81 -26.48 18.90
CA GLU CA 2 17.12 -26.95 18.51
C GLU CA 2 17.14 -27.51 17.10
N ALA CA 3 15.97 -27.67 16.48
CA ALA CA 3 15.87 -28.28 15.16
C ALA CA 3 16.59 -27.46 14.11
N LEU CA 4 16.63 -26.14 14.30
CA LEU CA 4 17.41 -25.25 13.45
C LEU CA 4 18.87 -25.68 13.37
N GLU CA 5 19.45 -26.09 14.49
CA GLU CA 5 20.83 -26.55 14.45
C GLU CA 5 20.97 -27.86 13.71
N ARG CA 6 19.94 -28.70 13.73
CA ARG CA 6 19.97 -29.86 12.86
C ARG CA 6 19.79 -29.45 11.41
N LEU CA 7 19.14 -28.32 11.17
CA LEU CA 7 19.16 -27.76 9.82
C LEU CA 7 20.42 -26.94 9.57
N ALA CA 8 21.25 -26.74 10.58
CA ALA CA 8 22.53 -26.09 10.32
C ALA CA 8 23.50 -27.02 9.61
N ALA CA 9 23.46 -28.31 9.92
CA ALA CA 9 24.37 -29.28 9.33
C ALA CA 9 23.68 -30.19 8.32
N ASP CA 10 22.52 -29.79 7.82
CA ASP CA 10 21.91 -30.48 6.70
C ASP CA 10 22.84 -30.35 5.50
N PRO CA 11 23.18 -31.45 4.82
CA PRO CA 11 24.14 -31.35 3.71
C PRO CA 11 23.63 -30.65 2.46
N ASP CA 12 22.51 -29.97 2.50
CA ASP CA 12 21.97 -29.33 1.32
C ASP CA 12 22.33 -27.86 1.28
N ARG CA 13 22.41 -27.32 0.06
CA ARG CA 13 22.70 -25.91 -0.13
C ARG CA 13 21.53 -25.03 0.27
N GLU CA 14 20.39 -25.25 -0.38
CA GLU CA 14 19.26 -24.33 -0.26
C GLU CA 14 18.68 -24.35 1.15
N VAL CA 15 18.80 -25.50 1.82
CA VAL CA 15 18.40 -25.59 3.22
C VAL CA 15 19.21 -24.63 4.07
N ARG CA 16 20.53 -24.73 3.99
CA ARG CA 16 21.36 -23.88 4.82
C ARG CA 16 21.28 -22.42 4.38
N ALA CA 17 20.95 -22.16 3.12
CA ALA CA 17 20.76 -20.79 2.67
C ALA CA 17 19.52 -20.17 3.29
N ALA CA 18 18.42 -20.92 3.34
CA ALA CA 18 17.26 -20.40 4.05
C ALA CA 18 17.49 -20.38 5.57
N VAL CA 19 18.34 -21.27 6.08
CA VAL CA 19 18.73 -21.22 7.48
C VAL CA 19 19.42 -19.90 7.78
N ALA CA 20 20.42 -19.55 6.99
CA ALA CA 20 21.10 -18.27 7.19
C ALA CA 20 20.22 -17.09 6.88
N ARG CA 21 19.19 -17.27 6.06
CA ARG CA 21 18.17 -16.25 5.97
C ARG CA 21 17.44 -16.05 7.29
N ARG CA 22 17.16 -17.12 8.02
CA ARG CA 22 16.52 -16.98 9.33
C ARG CA 22 17.45 -17.21 10.51
N LEU CA 23 18.77 -17.27 10.31
CA LEU CA 23 19.76 -17.61 11.33
C LEU CA 23 19.52 -18.91 12.06
N PRO DA 1 4.40 40.47 11.77
CA PRO DA 1 5.51 41.31 11.31
C PRO DA 1 5.64 41.31 9.80
N GLU DA 2 6.83 41.68 9.33
CA GLU DA 2 7.15 41.63 7.91
C GLU DA 2 7.77 40.31 7.49
N ALA DA 3 8.10 39.45 8.47
CA ALA DA 3 8.79 38.20 8.18
C ALA DA 3 7.93 37.27 7.33
N LEU DA 4 6.60 37.37 7.48
CA LEU DA 4 5.66 36.65 6.63
C LEU DA 4 5.91 36.94 5.16
N GLU DA 5 6.18 38.20 4.81
CA GLU DA 5 6.45 38.51 3.42
C GLU DA 5 7.77 37.92 2.96
N ARG DA 6 8.74 37.77 3.87
CA ARG DA 6 9.93 37.02 3.49
C ARG DA 6 9.61 35.55 3.37
N LEU DA 7 8.59 35.07 4.07
CA LEU DA 7 8.10 33.73 3.79
C LEU DA 7 7.14 33.71 2.63
N ALA DA 8 6.77 34.85 2.07
CA ALA DA 8 5.97 34.84 0.86
C ALA DA 8 6.81 34.45 -0.34
N ALA DA 9 8.08 34.84 -0.39
CA ALA DA 9 8.94 34.55 -1.51
C ALA DA 9 9.99 33.49 -1.19
N ASP DA 10 9.77 32.71 -0.15
CA ASP DA 10 10.58 31.53 0.10
C ASP DA 10 10.39 30.57 -1.06
N PRO DA 11 11.47 30.07 -1.68
CA PRO DA 11 11.31 29.20 -2.85
C PRO DA 11 10.74 27.82 -2.57
N ASP DA 12 10.20 27.55 -1.40
CA ASP DA 12 9.71 26.23 -1.09
C ASP DA 12 8.19 26.16 -1.27
N ARG DA 13 7.72 24.95 -1.58
CA ARG DA 13 6.29 24.73 -1.74
C ARG DA 13 5.56 24.79 -0.41
N GLU DA 14 5.95 23.90 0.51
CA GLU DA 14 5.19 23.70 1.73
C GLU DA 14 5.21 24.93 2.62
N VAL DA 15 6.30 25.70 2.54
CA VAL DA 15 6.38 26.98 3.23
C VAL DA 15 5.28 27.90 2.77
N ARG DA 16 5.21 28.13 1.46
CA ARG DA 16 4.21 29.07 0.95
C ARG DA 16 2.80 28.51 1.10
N ALA DA 17 2.66 27.19 1.15
CA ALA DA 17 1.34 26.60 1.39
C ALA DA 17 0.86 26.88 2.80
N ALA DA 18 1.75 26.73 3.79
CA ALA DA 18 1.34 27.13 5.13
C ALA DA 18 1.22 28.63 5.27
N VAL DA 19 1.97 29.39 4.47
CA VAL DA 19 1.79 30.84 4.43
C VAL DA 19 0.38 31.19 3.99
N ALA DA 20 -0.06 30.63 2.88
CA ALA DA 20 -1.42 30.87 2.42
C ALA DA 20 -2.46 30.27 3.34
N ARG DA 21 -2.10 29.25 4.12
CA ARG DA 21 -2.98 28.85 5.20
C ARG DA 21 -3.14 29.96 6.23
N ARG DA 22 -2.08 30.69 6.56
CA ARG DA 22 -2.20 31.79 7.48
C ARG DA 22 -2.14 33.18 6.85
N LEU DA 23 -2.26 33.28 5.53
CA LEU DA 23 -2.11 34.53 4.76
C LEU DA 23 -0.82 35.29 5.02
N PRO EA 1 22.70 -16.29 17.69
CA PRO EA 1 23.59 -17.21 18.39
C PRO EA 1 24.98 -17.26 17.79
N GLU EA 2 25.68 -18.35 18.08
CA GLU EA 2 26.99 -18.60 17.50
C GLU EA 2 26.91 -19.40 16.21
N ALA EA 3 25.73 -19.93 15.88
CA ALA EA 3 25.57 -20.79 14.72
C ALA EA 3 25.87 -20.05 13.43
N LEU EA 4 25.61 -18.74 13.41
CA LEU EA 4 25.99 -17.89 12.29
C LEU EA 4 27.47 -18.01 11.97
N GLU EA 5 28.32 -18.05 12.99
CA GLU EA 5 29.75 -18.20 12.73
C GLU EA 5 30.07 -19.57 12.18
N ARG EA 6 29.30 -20.60 12.55
CA ARG EA 6 29.47 -21.87 11.87
C ARG EA 6 28.96 -21.80 10.45
N LEU EA 7 28.01 -20.91 10.18
CA LEU EA 7 27.68 -20.63 8.80
C LEU EA 7 28.62 -19.62 8.16
N ALA EA 8 29.54 -19.06 8.93
CA ALA EA 8 30.55 -18.21 8.30
C ALA EA 8 31.58 -19.03 7.56
N ALA EA 9 31.92 -20.21 8.07
CA ALA EA 9 32.94 -21.06 7.45
C ALA EA 9 32.33 -22.28 6.76
N ASP EA 10 31.04 -22.24 6.46
CA ASP EA 10 30.44 -23.25 5.61
C ASP EA 10 31.09 -23.17 4.24
N PRO EA 11 31.57 -24.27 3.68
CA PRO EA 11 32.28 -24.20 2.39
C PRO EA 11 31.41 -23.89 1.17
N ASP EA 12 30.17 -23.47 1.35
CA ASP EA 12 29.30 -23.20 0.23
C ASP EA 12 29.27 -21.72 -0.12
N ARG EA 13 29.00 -21.43 -1.39
CA ARG EA 13 28.90 -20.05 -1.84
C ARG EA 13 27.63 -19.40 -1.34
N GLU EA 14 26.48 -19.97 -1.70
CA GLU EA 14 25.20 -19.31 -1.48
C GLU EA 14 24.89 -19.19 0.00
N VAL EA 15 25.40 -20.11 0.81
CA VAL EA 15 25.28 -20.02 2.26
C VAL EA 15 25.96 -18.77 2.76
N ARG EA 16 27.23 -18.59 2.42
CA ARG EA 16 27.95 -17.42 2.91
C ARG EA 16 27.43 -16.13 2.29
N ALA EA 17 26.84 -16.21 1.10
CA ALA EA 17 26.24 -15.03 0.49
C ALA EA 17 25.01 -14.58 1.27
N ALA EA 18 24.16 -15.53 1.66
CA ALA EA 18 23.05 -15.14 2.52
C ALA EA 18 23.51 -14.77 3.92
N VAL EA 19 24.64 -15.34 4.37
CA VAL EA 19 25.24 -14.93 5.63
C VAL EA 19 25.60 -13.47 5.58
N ALA EA 20 26.34 -13.06 4.56
CA ALA EA 20 26.70 -11.66 4.41
C ALA EA 20 25.51 -10.78 4.11
N ARG EA 21 24.43 -11.34 3.57
CA ARG EA 21 23.19 -10.60 3.54
C ARG EA 21 22.68 -10.31 4.95
N ARG EA 22 22.79 -11.25 5.87
CA ARG EA 22 22.37 -11.00 7.24
C ARG EA 22 23.52 -10.79 8.23
N LEU EA 23 24.74 -10.59 7.76
CA LEU EA 23 25.95 -10.49 8.59
C LEU EA 23 26.17 -11.65 9.55
N PRO FA 1 10.72 36.22 20.85
CA PRO FA 1 12.06 36.79 20.73
C PRO FA 1 12.50 36.97 19.29
N GLU FA 2 13.81 37.07 19.10
CA GLU FA 2 14.38 37.14 17.77
C GLU FA 2 14.74 35.78 17.20
N ALA FA 3 14.66 34.72 18.03
CA ALA FA 3 15.06 33.38 17.61
C ALA FA 3 14.20 32.86 16.48
N LEU FA 4 12.93 33.29 16.44
CA LEU FA 4 12.03 32.99 15.33
C LEU FA 4 12.64 33.42 14.00
N GLU FA 5 13.26 34.59 13.96
CA GLU FA 5 13.88 35.01 12.71
C GLU FA 5 15.09 34.16 12.35
N ARG FA 6 15.79 33.63 13.36
CA ARG FA 6 16.81 32.64 13.03
C ARG FA 6 16.18 31.34 12.58
N LEU FA 7 14.95 31.06 13.01
CA LEU FA 7 14.23 29.96 12.40
C LEU FA 7 13.54 30.37 11.11
N ALA FA 8 13.59 31.65 10.75
CA ALA FA 8 13.07 32.02 9.45
C ALA FA 8 14.01 31.60 8.32
N ALA FA 9 15.32 31.63 8.56
CA ALA FA 9 16.29 31.29 7.55
C ALA FA 9 16.96 29.95 7.82
N ASP FA 10 16.35 29.12 8.66
CA ASP FA 10 16.80 27.74 8.80
C ASP FA 10 16.62 27.05 7.45
N PRO FA 11 17.65 26.37 6.93
CA PRO FA 11 17.52 25.76 5.60
C PRO FA 11 16.61 24.55 5.50
N ASP FA 12 15.79 24.27 6.51
CA ASP FA 12 14.94 23.11 6.48
C ASP FA 12 13.52 23.48 6.04
N ARG FA 13 12.84 22.50 5.44
CA ARG FA 13 11.47 22.71 5.01
C ARG FA 13 10.52 22.75 6.19
N GLU FA 14 10.49 21.67 6.99
CA GLU FA 14 9.47 21.50 8.01
C GLU FA 14 9.61 22.54 9.11
N VAL FA 15 10.84 23.00 9.35
CA VAL FA 15 11.08 24.09 10.29
C VAL FA 15 10.36 25.34 9.84
N ARG FA 16 10.60 25.77 8.60
CA ARG FA 16 9.99 27.00 8.14
C ARG FA 16 8.48 26.82 7.95
N ALA FA 17 8.02 25.60 7.72
CA ALA FA 17 6.58 25.37 7.63
C ALA FA 17 5.91 25.56 8.98
N ALA FA 18 6.51 25.03 10.05
CA ALA FA 18 5.95 25.32 11.36
C ALA FA 18 6.17 26.77 11.77
N VAL FA 19 7.22 27.41 11.25
CA VAL FA 19 7.42 28.84 11.46
C VAL FA 19 6.25 29.61 10.89
N ALA FA 20 5.92 29.36 9.63
CA ALA FA 20 4.78 30.03 9.01
C ALA FA 20 3.47 29.61 9.62
N ARG FA 21 3.40 28.43 10.24
CA ARG FA 21 2.25 28.13 11.08
C ARG FA 21 2.16 29.08 12.26
N ARG FA 22 3.28 29.43 12.88
CA ARG FA 22 3.24 30.39 13.98
C ARG FA 22 3.75 31.78 13.64
N LEU FA 23 3.93 32.10 12.36
CA LEU FA 23 4.53 33.36 11.89
C LEU FA 23 5.89 33.69 12.48
N PRO GA 1 29.47 -7.53 13.99
CA PRO GA 1 30.66 -8.10 14.61
C PRO GA 1 31.89 -7.96 13.74
N GLU GA 2 32.88 -8.79 14.02
CA GLU GA 2 34.09 -8.86 13.22
C GLU GA 2 33.99 -9.89 12.10
N ALA GA 3 32.94 -10.70 12.11
CA ALA GA 3 32.80 -11.78 11.14
C ALA GA 3 32.69 -11.26 9.73
N LEU GA 4 32.11 -10.06 9.57
CA LEU GA 4 32.06 -9.36 8.29
C LEU GA 4 33.45 -9.21 7.69
N GLU GA 5 34.46 -8.88 8.51
CA GLU GA 5 35.79 -8.76 7.97
C GLU GA 5 36.36 -10.11 7.57
N ARG GA 6 35.94 -11.20 8.23
CA ARG GA 6 36.31 -12.50 7.70
C ARG GA 6 35.56 -12.81 6.43
N LEU GA 7 34.39 -12.20 6.24
CA LEU GA 7 33.76 -12.27 4.94
C LEU GA 7 34.29 -11.22 3.99
N ALA GA 8 35.16 -10.32 4.46
CA ALA GA 8 35.80 -9.42 3.52
C ALA GA 8 36.87 -10.12 2.70
N ALA GA 9 37.57 -11.09 3.28
CA ALA GA 9 38.63 -11.79 2.59
C ALA GA 9 38.25 -13.21 2.22
N ASP GA 10 36.96 -13.52 2.20
CA ASP GA 10 36.49 -14.78 1.64
C ASP GA 10 36.85 -14.81 0.17
N PRO GA 11 37.49 -15.86 -0.33
CA PRO GA 11 37.92 -15.88 -1.73
C PRO GA 11 36.81 -15.99 -2.76
N ASP GA 12 35.56 -15.82 -2.40
CA ASP GA 12 34.47 -15.97 -3.34
C ASP GA 12 34.01 -14.61 -3.87
N ARG GA 13 33.47 -14.63 -5.09
CA ARG GA 13 32.95 -13.41 -5.69
C ARG GA 13 31.66 -12.97 -5.03
N GLU GA 14 30.65 -13.83 -5.05
CA GLU GA 14 29.30 -13.45 -4.66
C GLU GA 14 29.22 -13.11 -3.18
N VAL GA 15 30.09 -13.75 -2.38
CA VAL GA 15 30.20 -13.41 -0.97
C VAL GA 15 30.61 -11.97 -0.80
N ARG GA 16 31.72 -11.59 -1.42
CA ARG GA 16 32.20 -10.22 -1.26
C ARG GA 16 31.29 -9.22 -1.93
N ALA GA 17 30.54 -9.64 -2.95
CA ALA GA 17 29.57 -8.75 -3.57
C ALA GA 17 28.42 -8.44 -2.63
N ALA GA 18 27.90 -9.46 -1.93
CA ALA GA 18 26.90 -9.17 -0.92
C ALA GA 18 27.49 -8.46 0.28
N VAL GA 19 28.77 -8.68 0.56
CA VAL GA 19 29.46 -7.92 1.60
C VAL GA 19 29.44 -6.45 1.27
N ALA GA 20 29.87 -6.09 0.07
CA ALA GA 20 29.84 -4.69 -0.36
C ALA GA 20 28.43 -4.16 -0.50
N ARG GA 21 27.45 -5.03 -0.72
CA ARG GA 21 26.07 -4.59 -0.60
C ARG GA 21 25.76 -4.17 0.83
N ARG GA 22 26.26 -4.87 1.84
CA ARG GA 22 26.04 -4.47 3.21
C ARG GA 22 27.24 -3.85 3.90
N LEU GA 23 28.28 -3.47 3.16
CA LEU GA 23 29.56 -2.96 3.69
C LEU GA 23 30.22 -3.85 4.74
N PRO HA 1 13.70 29.19 29.76
CA PRO HA 1 15.14 29.37 29.98
C PRO HA 1 15.89 29.65 28.70
N GLU HA 2 17.20 29.40 28.74
CA GLU HA 2 18.04 29.51 27.57
C GLU HA 2 18.17 28.20 26.82
N ALA HA 3 17.67 27.10 27.39
CA ALA HA 3 17.81 25.78 26.80
C ALA HA 3 17.11 25.68 25.46
N LEU HA 4 16.02 26.45 25.29
CA LEU HA 4 15.33 26.57 24.01
C LEU HA 4 16.29 27.01 22.91
N GLU HA 5 17.17 27.95 23.20
CA GLU HA 5 18.13 28.37 22.17
C GLU HA 5 19.14 27.27 21.88
N ARG HA 6 19.46 26.43 22.85
CA ARG HA 6 20.26 25.26 22.51
C ARG HA 6 19.44 24.26 21.71
N LEU HA 7 18.12 24.28 21.87
CA LEU HA 7 17.29 23.52 20.95
C LEU HA 7 17.01 24.29 19.67
N ALA HA 8 17.45 25.54 19.57
CA ALA HA 8 17.33 26.23 18.30
C ALA HA 8 18.35 25.73 17.30
N ALA HA 9 19.54 25.37 17.75
CA ALA HA 9 20.61 24.92 16.86
C ALA HA 9 20.85 23.42 16.97
N ASP HA 10 19.91 22.67 17.51
CA ASP HA 10 19.96 21.23 17.44
C ASP HA 10 19.90 20.82 15.99
N PRO HA 11 20.82 19.96 15.52
CA PRO HA 11 20.84 19.61 14.08
C PRO HA 11 19.70 18.74 13.61
N ASP HA 12 18.64 18.54 14.38
CA ASP HA 12 17.56 17.68 13.98
C ASP HA 12 16.40 18.48 13.41
N ARG HA 13 15.65 17.83 12.52
CA ARG HA 13 14.48 18.47 11.92
C ARG HA 13 13.35 18.60 12.91
N GLU HA 14 12.90 17.47 13.46
CA GLU HA 14 11.67 17.45 14.25
C GLU HA 14 11.82 18.22 15.54
N VAL HA 15 13.04 18.29 16.06
CA VAL HA 15 13.34 19.13 17.22
C VAL HA 15 13.05 20.57 16.91
N ARG HA 16 13.66 21.10 15.85
CA ARG HA 16 13.47 22.50 15.54
C ARG HA 16 12.05 22.78 15.08
N ALA HA 17 11.35 21.78 14.53
CA ALA HA 17 9.96 21.96 14.16
C ALA HA 17 9.07 22.13 15.38
N ALA HA 18 9.29 21.32 16.41
CA ALA HA 18 8.56 21.55 17.65
C ALA HA 18 9.03 22.81 18.36
N VAL HA 19 10.29 23.19 18.17
CA VAL HA 19 10.77 24.47 18.69
C VAL HA 19 9.98 25.61 18.09
N ALA HA 20 9.86 25.65 16.77
CA ALA HA 20 9.09 26.68 16.11
C ALA HA 20 7.61 26.56 16.41
N ARG HA 21 7.13 25.37 16.76
CA ARG HA 21 5.79 25.29 17.32
C ARG HA 21 5.68 26.04 18.63
N ARG HA 22 6.70 25.97 19.49
CA ARG HA 22 6.65 26.73 20.73
C ARG HA 22 7.54 27.95 20.77
N LEU HA 23 8.08 28.39 19.62
CA LEU HA 23 9.05 29.50 19.51
C LEU HA 23 10.29 29.35 20.38
N PRO IA 1 32.88 1.85 7.65
CA PRO IA 1 34.27 1.72 8.09
C PRO IA 1 35.26 1.97 6.96
N GLU IA 2 36.47 1.47 7.15
CA GLU IA 2 37.50 1.53 6.12
C GLU IA 2 37.50 0.30 5.23
N ALA IA 3 36.71 -0.73 5.58
CA ALA IA 3 36.71 -1.99 4.85
C ALA IA 3 36.22 -1.79 3.42
N LEU IA 4 35.33 -0.82 3.22
CA LEU IA 4 34.89 -0.44 1.88
C LEU IA 4 36.05 -0.08 0.98
N GLU IA 5 37.05 0.63 1.50
CA GLU IA 5 38.20 0.95 0.68
C GLU IA 5 39.03 -0.28 0.37
N ARG IA 6 39.05 -1.27 1.26
CA ARG IA 6 39.65 -2.53 0.88
C ARG IA 6 38.82 -3.26 -0.14
N LEU IA 7 37.51 -3.00 -0.16
CA LEU IA 7 36.72 -3.48 -1.27
C LEU IA 7 36.77 -2.54 -2.46
N ALA IA 8 37.43 -1.40 -2.34
CA ALA IA 8 37.64 -0.57 -3.50
C ALA IA 8 38.69 -1.15 -4.43
N ALA IA 9 39.72 -1.78 -3.87
CA ALA IA 9 40.81 -2.35 -4.67
C ALA IA 9 40.76 -3.86 -4.72
N ASP IA 10 39.62 -4.46 -4.42
CA ASP IA 10 39.43 -5.88 -4.65
C ASP IA 10 39.53 -6.12 -6.16
N PRO IA 11 40.33 -7.08 -6.61
CA PRO IA 11 40.51 -7.28 -8.05
C PRO IA 11 39.32 -7.86 -8.78
N ASP IA 12 38.14 -7.91 -8.19
CA ASP IA 12 36.99 -8.50 -8.84
C ASP IA 12 36.10 -7.43 -9.47
N ARG IA 13 35.39 -7.83 -10.52
CA ARG IA 13 34.46 -6.92 -11.17
C ARG IA 13 33.23 -6.67 -10.32
N GLU IA 14 32.51 -7.74 -10.00
CA GLU IA 14 31.19 -7.61 -9.39
C GLU IA 14 31.28 -7.00 -8.00
N VAL IA 15 32.40 -7.24 -7.32
CA VAL IA 15 32.65 -6.60 -6.03
C VAL IA 15 32.69 -5.10 -6.17
N ARG IA 16 33.53 -4.60 -7.08
CA ARG IA 16 33.64 -3.17 -7.22
C ARG IA 16 32.38 -2.57 -7.83
N ALA IA 17 31.62 -3.35 -8.59
CA ALA IA 17 30.35 -2.86 -9.12
C ALA IA 17 29.33 -2.65 -8.00
N ALA IA 18 29.25 -3.60 -7.07
CA ALA IA 18 28.38 -3.35 -5.92
C ALA IA 18 28.95 -2.29 -4.99
N VAL IA 19 30.28 -2.14 -4.96
CA VAL IA 19 30.90 -1.05 -4.23
C VAL IA 19 30.43 0.29 -4.77
N ALA IA 20 30.53 0.49 -6.08
CA ALA IA 20 30.06 1.72 -6.69
C ALA IA 20 28.54 1.85 -6.61
N ARG IA 21 27.82 0.75 -6.48
CA ARG IA 21 26.41 0.88 -6.13
C ARG IA 21 26.24 1.50 -4.75
N ARG IA 22 27.07 1.14 -3.78
CA ARG IA 22 26.98 1.75 -2.46
C ARG IA 22 28.06 2.77 -2.16
N LEU IA 23 28.84 3.22 -3.16
CA LEU IA 23 29.99 4.12 -2.99
C LEU IA 23 31.03 3.64 -1.99
N PRO JA 1 12.97 20.63 37.54
CA PRO JA 1 14.33 20.43 38.03
C PRO JA 1 15.37 20.68 36.97
N GLU JA 2 16.56 20.12 37.19
CA GLU JA 2 17.63 20.18 36.22
C GLU JA 2 17.63 18.99 35.27
N ALA JA 3 16.79 17.99 35.54
CA ALA JA 3 16.77 16.77 34.74
C ALA JA 3 16.36 17.03 33.30
N LEU JA 4 15.52 18.04 33.10
CA LEU JA 4 15.16 18.52 31.77
C LEU JA 4 16.39 18.86 30.94
N GLU JA 5 17.38 19.50 31.55
CA GLU JA 5 18.58 19.81 30.79
C GLU JA 5 19.38 18.56 30.47
N ARG JA 6 19.30 17.53 31.31
CA ARG JA 6 19.89 16.26 30.91
C ARG JA 6 19.06 15.61 29.81
N LEU JA 7 17.77 15.93 29.74
CA LEU JA 7 17.01 15.53 28.58
C LEU JA 7 17.17 16.52 27.43
N ALA JA 8 17.87 17.63 27.64
CA ALA JA 8 18.16 18.50 26.51
C ALA JA 8 19.24 17.91 25.61
N ALA JA 9 20.21 17.21 26.20
CA ALA JA 9 21.31 16.63 25.43
C ALA JA 9 21.21 15.13 25.31
N ASP JA 10 20.02 14.56 25.53
CA ASP JA 10 19.79 13.17 25.22
C ASP JA 10 19.96 12.99 23.71
N PRO JA 11 20.74 12.02 23.25
CA PRO JA 11 20.98 11.87 21.81
C PRO JA 11 19.80 11.38 20.99
N ASP JA 12 18.59 11.35 21.53
CA ASP JA 12 17.46 10.84 20.80
C ASP JA 12 16.64 11.97 20.20
N ARG JA 13 15.97 11.65 19.09
CA ARG JA 13 15.11 12.64 18.43
C ARG JA 13 13.85 12.90 19.23
N GLU JA 14 13.07 11.84 19.47
CA GLU JA 14 11.73 12.01 20.02
C GLU JA 14 11.77 12.55 21.43
N VAL JA 15 12.85 12.23 22.17
CA VAL JA 15 13.07 12.80 23.50
C VAL JA 15 13.17 14.30 23.42
N ARG JA 16 14.07 14.81 22.58
CA ARG JA 16 14.26 16.24 22.50
C ARG JA 16 13.06 16.92 21.86
N ALA JA 17 12.29 16.21 21.04
CA ALA JA 17 11.08 16.78 20.47
C ALA JA 17 10.02 16.98 21.55
N ALA JA 18 9.83 16.00 22.43
CA ALA JA 18 8.93 16.23 23.55
C ALA JA 18 9.50 17.22 24.55
N VAL JA 19 10.83 17.32 24.64
CA VAL JA 19 11.46 18.35 25.46
C VAL JA 19 11.06 19.72 24.95
N ALA JA 20 11.24 19.97 23.66
CA ALA JA 20 10.85 21.25 23.09
C ALA JA 20 9.34 21.45 23.09
N ARG JA 21 8.56 20.37 23.14
CA ARG JA 21 7.15 20.54 23.44
C ARG JA 21 6.93 21.10 24.83
N ARG JA 22 7.71 20.67 25.82
CA ARG JA 22 7.59 21.24 27.16
C ARG JA 22 8.69 22.20 27.57
N LEU JA 23 9.52 22.65 26.63
CA LEU JA 23 10.70 23.49 26.89
C LEU JA 23 11.67 22.92 27.91
N PRO KA 1 32.51 10.22 -0.51
CA PRO KA 1 33.94 10.51 -0.36
C PRO KA 1 34.63 10.77 -1.68
N GLU KA 2 35.95 10.62 -1.68
CA GLU KA 2 36.74 10.72 -2.90
C GLU KA 2 36.93 9.38 -3.58
N ALA KA 3 36.52 8.29 -2.93
CA ALA KA 3 36.74 6.95 -3.47
C ALA KA 3 36.00 6.73 -4.77
N LEU KA 4 34.85 7.40 -4.92
CA LEU KA 4 34.10 7.42 -6.17
C LEU KA 4 34.98 7.86 -7.35
N GLU KA 5 35.81 8.87 -7.15
CA GLU KA 5 36.68 9.30 -8.23
C GLU KA 5 37.76 8.27 -8.52
N ARG KA 6 38.17 7.50 -7.51
CA ARG KA 6 39.04 6.37 -7.83
C ARG KA 6 38.27 5.28 -8.53
N LEU KA 7 36.96 5.20 -8.32
CA LEU KA 7 36.16 4.35 -9.17
C LEU KA 7 35.77 5.02 -10.47
N ALA KA 8 36.11 6.29 -10.65
CA ALA KA 8 35.88 6.90 -11.95
C ALA KA 8 36.90 6.42 -12.97
N ALA KA 9 38.14 6.18 -12.55
CA ALA KA 9 39.19 5.75 -13.45
C ALA KA 9 39.55 4.29 -13.28
N ASP KA 10 38.68 3.50 -12.66
CA ASP KA 10 38.84 2.07 -12.66
C ASP KA 10 38.76 1.57 -14.10
N PRO KA 11 39.70 0.76 -14.56
CA PRO KA 11 39.70 0.33 -15.96
C PRO KA 11 38.61 -0.65 -16.35
N ASP KA 12 37.60 -0.86 -15.52
CA ASP KA 12 36.56 -1.82 -15.83
C ASP KA 12 35.33 -1.14 -16.40
N ARG KA 13 34.59 -1.89 -17.21
CA ARG KA 13 33.36 -1.36 -17.79
C ARG KA 13 32.26 -1.26 -16.76
N GLU KA 14 31.91 -2.39 -16.14
CA GLU KA 14 30.73 -2.46 -15.30
C GLU KA 14 30.87 -1.60 -14.06
N VAL KA 15 32.11 -1.42 -13.60
CA VAL KA 15 32.38 -0.51 -12.49
C VAL KA 15 31.98 0.90 -12.86
N ARG KA 16 32.50 1.40 -13.97
CA ARG KA 16 32.19 2.77 -14.35
C ARG KA 16 30.75 2.93 -14.76
N ALA KA 17 30.11 1.85 -15.23
CA ALA KA 17 28.68 1.92 -15.54
C ALA KA 17 27.85 2.08 -14.29
N ALA KA 18 28.16 1.34 -13.23
CA ALA KA 18 27.46 1.58 -11.97
C ALA KA 18 27.87 2.91 -11.35
N VAL KA 19 29.09 3.38 -11.61
CA VAL KA 19 29.50 4.71 -11.19
C VAL KA 19 28.60 5.77 -11.80
N ALA KA 20 28.43 5.72 -13.13
CA ALA KA 20 27.55 6.66 -13.79
C ALA KA 20 26.10 6.45 -13.43
N ARG KA 21 25.72 5.25 -12.99
CA ARG KA 21 24.42 5.10 -12.37
C ARG KA 21 24.30 5.91 -11.09
N ARG KA 22 25.35 5.96 -10.28
CA ARG KA 22 25.32 6.79 -9.08
C ARG KA 22 26.12 8.07 -9.15
N LEU KA 23 26.56 8.48 -10.34
CA LEU KA 23 27.45 9.65 -10.55
C LEU KA 23 28.73 9.63 -9.72
N PRO LA 1 8.73 11.18 43.18
CA PRO LA 1 9.88 10.54 43.83
C PRO LA 1 11.16 10.67 43.02
N GLU LA 2 12.11 9.80 43.30
CA GLU LA 2 13.34 9.72 42.54
C GLU LA 2 13.26 8.75 41.38
N ALA LA 3 12.17 7.97 41.30
CA ALA LA 3 12.03 6.94 40.29
C ALA LA 3 12.00 7.53 38.89
N LEU LA 4 11.47 8.75 38.77
CA LEU LA 4 11.51 9.50 37.52
C LEU LA 4 12.93 9.63 36.98
N GLU LA 5 13.90 9.89 37.85
CA GLU LA 5 15.27 9.98 37.37
C GLU LA 5 15.79 8.64 36.93
N ARG LA 6 15.31 7.54 37.52
CA ARG LA 6 15.66 6.25 36.96
C ARG LA 6 14.95 6.03 35.64
N LEU LA 7 13.81 6.68 35.44
CA LEU LA 7 13.23 6.68 34.10
C LEU LA 7 13.84 7.76 33.23
N ALA LA 8 14.72 8.60 33.77
CA ALA LA 8 15.43 9.52 32.90
C ALA LA 8 16.50 8.83 32.09
N ALA LA 9 17.15 7.81 32.66
CA ALA LA 9 18.21 7.10 31.97
C ALA LA 9 17.80 5.70 31.53
N ASP LA 10 16.50 5.45 31.45
CA ASP LA 10 16.01 4.24 30.81
C ASP LA 10 16.44 4.26 29.35
N PRO LA 11 17.06 3.20 28.83
CA PRO LA 11 17.54 3.23 27.44
C PRO LA 11 16.47 3.20 26.37
N ASP LA 12 15.21 3.40 26.69
CA ASP LA 12 14.16 3.34 25.71
C ASP LA 12 13.76 4.73 25.23
N ARG LA 13 13.27 4.78 23.99
CA ARG LA 13 12.82 6.04 23.42
C ARG LA 13 11.52 6.50 24.05
N GLU LA 14 10.49 5.67 23.94
CA GLU LA 14 9.14 6.10 24.29
C GLU LA 14 9.01 6.37 25.78
N VAL LA 15 9.81 5.67 26.58
CA VAL LA 15 9.88 5.94 28.02
C VAL LA 15 10.34 7.35 28.27
N ARG LA 16 11.49 7.73 27.70
CA ARG LA 16 12.00 9.06 27.96
C ARG LA 16 11.15 10.12 27.28
N ALA LA 17 10.44 9.78 26.22
CA ALA LA 17 9.52 10.73 25.61
C ALA LA 17 8.35 11.04 26.52
N ALA LA 18 7.76 10.01 27.15
CA ALA LA 18 6.73 10.29 28.12
C ALA LA 18 7.29 10.93 29.39
N VAL LA 19 8.57 10.64 29.71
CA VAL LA 19 9.23 11.33 30.80
C VAL LA 19 9.28 12.82 30.54
N ALA LA 20 9.76 13.22 29.37
CA ALA LA 20 9.80 14.63 29.01
C ALA LA 20 8.42 15.21 28.83
N ARG LA 21 7.42 14.39 28.53
CA ARG LA 21 6.05 14.87 28.62
C ARG LA 21 5.69 15.25 30.06
N ARG LA 22 6.13 14.48 31.05
CA ARG LA 22 5.86 14.83 32.43
C ARG LA 22 7.06 15.39 33.19
N LEU LA 23 8.15 15.74 32.51
CA LEU LA 23 9.41 16.19 33.12
C LEU LA 23 10.00 15.23 34.15
N PRO MA 1 28.74 16.66 -9.61
CA PRO MA 1 30.03 17.31 -9.83
C PRO MA 1 30.39 17.44 -11.30
N GLU MA 2 31.67 17.61 -11.57
CA GLU MA 2 32.17 17.64 -12.94
C GLU MA 2 32.59 16.26 -13.44
N ALA MA 3 32.63 15.27 -12.55
CA ALA MA 3 33.09 13.93 -12.91
C ALA MA 3 32.22 13.29 -13.96
N LEU MA 4 30.92 13.63 -13.96
CA LEU MA 4 29.99 13.21 -15.00
C LEU MA 4 30.49 13.60 -16.39
N GLU MA 5 31.03 14.80 -16.54
CA GLU MA 5 31.56 15.18 -17.84
C GLU MA 5 32.80 14.40 -18.20
N ARG MA 6 33.58 13.96 -17.21
CA ARG MA 6 34.65 13.04 -17.53
C ARG MA 6 34.09 11.67 -17.88
N LEU MA 7 32.91 11.34 -17.38
CA LEU MA 7 32.23 10.16 -17.88
C LEU MA 7 31.45 10.45 -19.14
N ALA MA 8 31.38 11.69 -19.58
CA ALA MA 8 30.78 11.96 -20.87
C ALA MA 8 31.69 11.54 -22.01
N ALA MA 9 33.00 11.67 -21.85
CA ALA MA 9 33.95 11.32 -22.90
C ALA MA 9 34.73 10.05 -22.58
N ASP MA 10 34.22 9.22 -21.69
CA ASP MA 10 34.76 7.90 -21.48
C ASP MA 10 34.56 7.12 -22.78
N PRO MA 11 35.60 6.47 -23.32
CA PRO MA 11 35.46 5.78 -24.60
C PRO MA 11 34.61 4.52 -24.58
N ASP MA 12 33.87 4.24 -23.52
CA ASP MA 12 33.10 3.02 -23.44
C ASP MA 12 31.64 3.28 -23.81
N ARG MA 13 31.00 2.22 -24.32
CA ARG MA 13 29.59 2.31 -24.68
C ARG MA 13 28.71 2.36 -23.45
N GLU MA 14 28.79 1.34 -22.61
CA GLU MA 14 27.84 1.17 -21.51
C GLU MA 14 27.97 2.27 -20.49
N VAL MA 15 29.17 2.82 -20.34
CA VAL MA 15 29.38 3.98 -19.48
C VAL MA 15 28.56 5.15 -19.96
N ARG MA 16 28.71 5.52 -21.23
CA ARG MA 16 27.99 6.68 -21.73
C ARG MA 16 26.49 6.40 -21.82
N ALA MA 17 26.10 5.14 -21.96
CA ALA MA 17 24.68 4.81 -21.96
C ALA MA 17 24.07 5.03 -20.58
N ALA MA 18 24.76 4.61 -19.52
CA ALA MA 18 24.25 4.93 -18.20
C ALA MA 18 24.38 6.42 -17.89
N VAL MA 19 25.37 7.09 -18.50
CA VAL MA 19 25.47 8.54 -18.38
C VAL MA 19 24.24 9.20 -18.93
N ALA MA 20 23.84 8.86 -20.15
CA ALA MA 20 22.64 9.40 -20.74
C ALA MA 20 21.38 8.94 -20.03
N ARG MA 21 21.44 7.80 -19.34
CA ARG MA 21 20.35 7.48 -18.43
C ARG MA 21 20.25 8.49 -17.30
N ARG MA 22 21.38 8.94 -16.76
CA ARG MA 22 21.33 9.96 -15.72
C ARG MA 22 21.73 11.36 -16.16
N LEU MA 23 21.82 11.61 -17.46
CA LEU MA 23 22.31 12.89 -18.04
C LEU MA 23 23.67 13.34 -17.54
N PRO NA 1 1.39 2.64 46.28
CA PRO NA 1 2.20 1.64 46.97
C PRO NA 1 3.60 1.54 46.41
N GLU NA 2 4.25 0.41 46.67
CA GLU NA 2 5.56 0.13 46.11
C GLU NA 2 5.49 -0.61 44.79
N ALA NA 3 4.29 -1.07 44.40
CA ALA NA 3 4.12 -1.86 43.19
C ALA NA 3 4.50 -1.09 41.95
N LEU NA 4 4.32 0.24 41.98
CA LEU NA 4 4.77 1.12 40.92
C LEU NA 4 6.26 0.94 40.64
N GLU NA 5 7.07 0.81 41.68
CA GLU NA 5 8.49 0.60 41.46
C GLU NA 5 8.77 -0.76 40.86
N ARG NA 6 7.94 -1.76 41.15
CA ARG NA 6 8.08 -3.01 40.42
C ARG NA 6 7.62 -2.85 38.99
N LEU NA 7 6.72 -1.89 38.73
CA LEU NA 7 6.45 -1.54 37.35
C LEU NA 7 7.46 -0.55 36.80
N ALA NA 8 8.38 -0.06 37.62
CA ALA NA 8 9.45 0.76 37.08
C ALA NA 8 10.47 -0.08 36.32
N ALA NA 9 10.73 -1.30 36.78
CA ALA NA 9 11.72 -2.16 36.15
C ALA NA 9 11.09 -3.32 35.40
N ASP NA 10 9.80 -3.20 35.05
CA ASP NA 10 9.19 -4.14 34.13
C ASP NA 10 9.88 -4.02 32.80
N PRO NA 11 10.33 -5.13 32.19
CA PRO NA 11 11.09 -5.04 30.93
C PRO NA 11 10.27 -4.62 29.72
N ASP NA 12 9.06 -4.14 29.86
CA ASP NA 12 8.24 -3.79 28.73
C ASP NA 12 8.29 -2.29 28.47
N ARG NA 13 8.08 -1.93 27.19
CA ARG NA 13 8.06 -0.53 26.80
C ARG NA 13 6.80 0.17 27.29
N GLU NA 14 5.65 -0.34 26.87
CA GLU NA 14 4.39 0.37 27.08
C GLU NA 14 4.03 0.45 28.55
N VAL NA 15 4.47 -0.54 29.33
CA VAL NA 15 4.31 -0.51 30.78
C VAL NA 15 5.03 0.69 31.36
N ARG NA 16 6.32 0.82 31.07
CA ARG NA 16 7.07 1.91 31.64
C ARG NA 16 6.65 3.26 31.07
N ALA NA 17 6.09 3.26 29.85
CA ALA NA 17 5.57 4.50 29.28
C ALA NA 17 4.34 4.97 30.04
N ALA NA 18 3.43 4.06 30.36
CA ALA NA 18 2.30 4.45 31.20
C ALA NA 18 2.74 4.74 32.63
N VAL NA 19 3.82 4.09 33.08
CA VAL NA 19 4.39 4.42 34.39
C VAL NA 19 4.83 5.87 34.42
N ALA NA 20 5.62 6.28 33.44
CA ALA NA 20 6.06 7.66 33.36
C ALA NA 20 4.92 8.61 33.08
N ARG NA 21 3.83 8.13 32.47
CA ARG NA 21 2.63 8.94 32.44
C ARG NA 21 2.09 9.19 33.84
N ARG NA 22 2.12 8.20 34.73
CA ARG NA 22 1.68 8.41 36.09
C ARG NA 22 2.79 8.52 37.12
N LEU NA 23 4.04 8.67 36.71
CA LEU NA 23 5.23 8.67 37.59
C LEU NA 23 5.36 7.46 38.49
N PRO OA 1 21.88 20.06 -18.57
CA PRO OA 1 22.91 20.92 -19.13
C PRO OA 1 22.97 20.85 -20.64
N GLU OA 2 24.11 21.25 -21.19
CA GLU OA 2 24.36 21.14 -22.61
C GLU OA 2 25.03 19.83 -22.99
N ALA OA 3 25.46 19.04 -22.00
CA ALA OA 3 26.19 17.81 -22.26
C ALA OA 3 25.35 16.80 -23.01
N LEU OA 4 24.03 16.84 -22.79
CA LEU OA 4 23.08 16.03 -23.56
C LEU OA 4 23.24 16.25 -25.06
N GLU OA 5 23.43 17.50 -25.48
CA GLU OA 5 23.61 17.74 -26.90
C GLU OA 5 24.94 17.20 -27.39
N ARG OA 6 25.96 17.15 -26.53
CA ARG OA 6 27.16 16.44 -26.93
C ARG OA 6 26.93 14.94 -26.95
N LEU OA 7 25.96 14.46 -26.18
CA LEU OA 7 25.54 13.08 -26.36
C LEU OA 7 24.52 12.95 -27.47
N ALA OA 8 24.06 14.04 -28.07
CA ALA OA 8 23.21 13.92 -29.24
C ALA OA 8 24.01 13.51 -30.47
N ALA OA 9 25.25 13.96 -30.59
CA ALA OA 9 26.08 13.65 -31.75
C ALA OA 9 27.18 12.67 -31.41
N ASP OA 10 27.06 11.93 -30.32
CA ASP OA 10 27.94 10.82 -30.06
C ASP OA 10 27.75 9.79 -31.16
N PRO OA 11 28.81 9.31 -31.80
CA PRO OA 11 28.64 8.37 -32.92
C PRO OA 11 28.17 6.98 -32.55
N ASP OA 12 27.70 6.74 -31.33
CA ASP OA 12 27.28 5.42 -30.93
C ASP OA 12 25.77 5.26 -31.04
N ARG OA 13 25.36 4.02 -31.25
CA ARG OA 13 23.92 3.72 -31.32
C ARG OA 13 23.27 3.80 -29.97
N GLU OA 14 23.75 3.00 -29.02
CA GLU OA 14 23.06 2.82 -27.74
C GLU OA 14 23.06 4.10 -26.93
N VAL OA 15 24.10 4.92 -27.10
CA VAL OA 15 24.14 6.23 -26.47
C VAL OA 15 22.98 7.08 -26.94
N ARG OA 16 22.83 7.23 -28.25
CA ARG OA 16 21.76 8.08 -28.75
C ARG OA 16 20.39 7.46 -28.51
N ALA OA 17 20.32 6.14 -28.39
CA ALA OA 17 19.05 5.51 -28.04
C ALA OA 17 18.63 5.83 -26.62
N ALA OA 18 19.56 5.79 -25.67
CA ALA OA 18 19.21 6.23 -24.33
C ALA OA 18 19.02 7.73 -24.27
N VAL OA 19 19.68 8.49 -25.15
CA VAL OA 19 19.43 9.92 -25.25
C VAL OA 19 17.99 10.17 -25.64
N ALA OA 20 17.51 9.52 -26.69
CA ALA OA 20 16.12 9.67 -27.10
C ALA OA 20 15.16 9.07 -26.09
N ARG OA 21 15.61 8.12 -25.28
CA ARG OA 21 14.81 7.74 -24.14
C ARG OA 21 14.64 8.89 -23.16
N ARG OA 22 15.68 9.69 -22.93
CA ARG OA 22 15.54 10.84 -22.05
C ARG OA 22 15.49 12.18 -22.76
N LEU OA 23 15.31 12.21 -24.08
CA LEU OA 23 15.35 13.42 -24.92
C LEU OA 23 16.62 14.26 -24.76
N PRO PA 1 -8.39 -4.04 46.23
CA PRO PA 1 -7.99 -5.30 46.85
C PRO PA 1 -6.56 -5.68 46.53
N GLU PA 2 -6.27 -6.97 46.68
CA GLU PA 2 -4.96 -7.50 46.32
C GLU PA 2 -4.91 -8.01 44.90
N ALA PA 3 -6.06 -8.07 44.22
CA ALA PA 3 -6.14 -8.62 42.87
C ALA PA 3 -5.33 -7.80 41.88
N LEU PA 4 -5.21 -6.49 42.14
CA LEU PA 4 -4.34 -5.61 41.36
C LEU PA 4 -2.91 -6.13 41.32
N GLU PA 5 -2.41 -6.62 42.45
CA GLU PA 5 -1.05 -7.16 42.45
C GLU PA 5 -0.96 -8.45 41.67
N ARG PA 6 -2.04 -9.22 41.60
CA ARG PA 6 -2.03 -10.35 40.68
C ARG PA 6 -2.12 -9.87 39.25
N LEU PA 7 -2.70 -8.69 39.02
CA LEU PA 7 -2.57 -8.08 37.71
C LEU PA 7 -1.27 -7.33 37.54
N ALA PA 8 -0.46 -7.21 38.60
CA ALA PA 8 0.85 -6.64 38.41
C ALA PA 8 1.80 -7.59 37.71
N ALA PA 9 1.67 -8.89 37.97
CA ALA PA 9 2.55 -9.89 37.37
C ALA PA 9 1.86 -10.72 36.30
N ASP PA 10 0.75 -10.23 35.77
CA ASP PA 10 0.15 -10.83 34.59
C ASP PA 10 1.13 -10.70 33.44
N PRO PA 11 1.44 -11.79 32.73
CA PRO PA 11 2.45 -11.71 31.66
C PRO PA 11 2.04 -10.94 30.43
N ASP PA 12 0.96 -10.19 30.45
CA ASP PA 12 0.51 -9.47 29.27
C ASP PA 12 0.96 -8.02 29.31
N ARG PA 13 1.12 -7.44 28.12
CA ARG PA 13 1.51 -6.04 28.01
C ARG PA 13 0.37 -5.12 28.39
N GLU PA 14 -0.75 -5.24 27.68
CA GLU PA 14 -1.83 -4.27 27.79
C GLU PA 14 -2.48 -4.31 29.17
N VAL PA 15 -2.45 -5.48 29.81
CA VAL PA 15 -2.92 -5.61 31.18
C VAL PA 15 -2.09 -4.74 32.11
N ARG PA 16 -0.78 -4.90 32.07
CA ARG PA 16 0.06 -4.14 32.97
C ARG PA 16 0.09 -2.67 32.60
N ALA PA 17 -0.17 -2.33 31.33
CA ALA PA 17 -0.27 -0.94 30.93
C ALA PA 17 -1.49 -0.28 31.53
N ALA PA 18 -2.63 -0.96 31.50
CA ALA PA 18 -3.80 -0.40 32.19
C ALA PA 18 -3.63 -0.45 33.70
N VAL PA 19 -2.86 -1.41 34.21
CA VAL PA 19 -2.52 -1.44 35.62
C VAL PA 19 -1.78 -0.18 36.02
N ALA PA 20 -0.72 0.15 35.28
CA ALA PA 20 0.02 1.37 35.57
C ALA PA 20 -0.78 2.61 35.26
N ARG PA 21 -1.79 2.52 34.39
CA ARG PA 21 -2.74 3.62 34.31
C ARG PA 21 -3.51 3.80 35.61
N ARG PA 22 -3.89 2.71 36.27
CA ARG PA 22 -4.57 2.85 37.56
C ARG PA 22 -3.72 2.51 38.77
N LEU PA 23 -2.40 2.38 38.62
CA LEU PA 23 -1.47 1.95 39.67
C LEU PA 23 -1.82 0.64 40.34
N PRO QA 1 13.02 19.96 -26.26
CA PRO QA 1 13.66 20.91 -27.16
C PRO QA 1 13.49 20.56 -28.62
N GLU QA 2 14.37 21.10 -29.45
CA GLU QA 2 14.40 20.77 -30.87
C GLU QA 2 15.33 19.62 -31.19
N ALA QA 3 16.11 19.17 -30.20
CA ALA QA 3 17.11 18.12 -30.42
C ALA QA 3 16.46 16.82 -30.82
N LEU QA 4 15.24 16.57 -30.33
CA LEU QA 4 14.44 15.42 -30.75
C LEU QA 4 14.27 15.37 -32.26
N GLU QA 5 14.04 16.52 -32.89
CA GLU QA 5 13.91 16.51 -34.33
C GLU QA 5 15.23 16.22 -35.01
N ARG QA 6 16.35 16.59 -34.40
CA ARG QA 6 17.63 16.13 -34.94
C ARG QA 6 17.80 14.65 -34.69
N LEU QA 7 17.16 14.11 -33.66
CA LEU QA 7 17.10 12.66 -33.54
C LEU QA 7 15.99 12.06 -34.37
N ALA QA 8 15.16 12.88 -35.01
CA ALA QA 8 14.20 12.32 -35.95
C ALA QA 8 14.85 11.88 -37.23
N ALA QA 9 15.88 12.59 -37.69
CA ALA QA 9 16.55 12.25 -38.94
C ALA QA 9 17.93 11.66 -38.71
N ASP QA 10 18.19 11.14 -37.52
CA ASP QA 10 19.39 10.36 -37.28
C ASP QA 10 19.31 9.11 -38.16
N PRO QA 11 20.34 8.78 -38.93
CA PRO QA 11 20.25 7.62 -39.84
C PRO QA 11 20.25 6.26 -39.17
N ASP QA 12 20.08 6.18 -37.87
CA ASP QA 12 20.12 4.90 -37.19
C ASP QA 12 18.72 4.36 -36.94
N ARG QA 13 18.61 3.03 -36.87
CA ARG QA 13 17.34 2.39 -36.60
C ARG QA 13 16.92 2.58 -35.16
N GLU QA 14 17.76 2.12 -34.22
CA GLU QA 14 17.37 2.03 -32.83
C GLU QA 14 17.16 3.41 -32.22
N VAL QA 15 17.88 4.41 -32.74
CA VAL QA 15 17.66 5.80 -32.33
C VAL QA 15 16.25 6.22 -32.66
N ARG QA 16 15.84 6.08 -33.92
CA ARG QA 16 14.52 6.52 -34.29
C ARG QA 16 13.43 5.66 -33.68
N ALA QA 17 13.75 4.40 -33.34
CA ALA QA 17 12.78 3.55 -32.65
C ALA QA 17 12.53 4.05 -31.24
N ALA QA 18 13.58 4.42 -30.52
CA ALA QA 18 13.36 5.02 -29.21
C ALA QA 18 12.76 6.42 -29.33
N VAL QA 19 13.04 7.12 -30.43
CA VAL QA 19 12.39 8.40 -30.70
C VAL QA 19 10.89 8.21 -30.79
N ALA QA 20 10.44 7.27 -31.61
CA ALA QA 20 9.01 6.99 -31.73
C ALA QA 20 8.44 6.39 -30.46
N ARG QA 21 9.26 5.77 -29.64
CA ARG QA 21 8.80 5.43 -28.30
C ARG QA 21 8.48 6.68 -27.49
N ARG QA 22 9.29 7.73 -27.61
CA ARG QA 22 8.99 8.97 -26.90
C ARG QA 22 8.46 10.09 -27.77
N LEU QA 23 8.06 9.81 -29.01
CA LEU QA 23 7.62 10.81 -30.01
C LEU QA 23 8.61 11.94 -30.26
N PRO RA 1 -19.06 -7.70 43.37
CA PRO RA 1 -19.11 -9.10 43.80
C PRO RA 1 -17.78 -9.82 43.66
N GLU RA 2 -17.85 -11.13 43.60
CA GLU RA 2 -16.67 -11.95 43.38
C GLU RA 2 -16.45 -12.25 41.91
N ALA RA 3 -17.42 -11.89 41.04
CA ALA RA 3 -17.34 -12.21 39.62
C ALA RA 3 -16.16 -11.52 38.96
N LEU RA 4 -15.79 -10.34 39.47
CA LEU RA 4 -14.59 -9.63 39.02
C LEU RA 4 -13.35 -10.52 39.13
N GLU RA 5 -13.23 -11.28 40.21
CA GLU RA 5 -12.08 -12.16 40.32
C GLU RA 5 -12.14 -13.30 39.33
N ARG RA 6 -13.34 -13.74 38.96
CA ARG RA 6 -13.42 -14.68 37.85
C ARG RA 6 -13.07 -14.00 36.53
N LEU RA 7 -13.29 -12.69 36.44
CA LEU RA 7 -12.75 -11.96 35.31
C LEU RA 7 -11.30 -11.57 35.51
N ALA RA 8 -10.74 -11.83 36.68
CA ALA RA 8 -9.31 -11.62 36.83
C ALA RA 8 -8.50 -12.69 36.12
N ALA RA 9 -8.99 -13.93 36.10
CA ALA RA 9 -8.27 -15.03 35.48
C ALA RA 9 -8.92 -15.48 34.17
N ASP RA 10 -9.73 -14.63 33.57
CA ASP RA 10 -10.21 -14.88 32.22
C ASP RA 10 -9.00 -14.88 31.29
N PRO RA 11 -8.83 -15.89 30.45
CA PRO RA 11 -7.63 -15.96 29.59
C PRO RA 11 -7.57 -14.93 28.48
N ASP RA 12 -8.41 -13.92 28.46
CA ASP RA 12 -8.42 -12.95 27.39
C ASP RA 12 -7.64 -11.70 27.77
N ARG RA 13 -7.11 -11.03 26.75
CA ARG RA 13 -6.38 -9.78 26.97
C ARG RA 13 -7.32 -8.65 27.33
N GLU RA 14 -8.26 -8.35 26.44
CA GLU RA 14 -9.07 -7.15 26.55
C GLU RA 14 -9.97 -7.21 27.77
N VAL RA 15 -10.37 -8.41 28.18
CA VAL RA 15 -11.13 -8.60 29.40
C VAL RA 15 -10.33 -8.13 30.59
N ARG RA 16 -9.11 -8.65 30.74
CA ARG RA 16 -8.32 -8.26 31.90
C ARG RA 16 -7.86 -6.82 31.82
N ALA RA 17 -7.76 -6.26 30.62
CA ALA RA 17 -7.42 -4.86 30.48
C ALA RA 17 -8.56 -3.96 30.98
N ALA RA 18 -9.79 -4.29 30.63
CA ALA RA 18 -10.90 -3.54 31.22
C ALA RA 18 -11.08 -3.85 32.70
N VAL RA 19 -10.68 -5.05 33.13
CA VAL RA 19 -10.67 -5.36 34.56
C VAL RA 19 -9.74 -4.42 35.30
N ALA RA 20 -8.50 -4.29 34.82
CA ALA RA 20 -7.56 -3.37 35.44
C ALA RA 20 -7.95 -1.93 35.25
N ARG RA 21 -8.75 -1.62 34.23
CA ARG RA 21 -9.37 -0.30 34.20
C ARG RA 21 -10.32 -0.11 35.37
N ARG RA 22 -11.09 -1.12 35.74
CA ARG RA 22 -11.96 -0.99 36.90
C ARG RA 22 -11.49 -1.71 38.15
N LEU RA 23 -10.24 -2.18 38.20
CA LEU RA 23 -9.68 -2.99 39.29
C LEU RA 23 -10.47 -4.24 39.63
N PRO SA 1 3.44 16.36 -31.89
CA PRO SA 1 3.66 17.25 -33.05
C PRO SA 1 3.34 16.58 -34.37
N GLU SA 2 3.90 17.14 -35.42
CA GLU SA 2 3.78 16.56 -36.76
C GLU SA 2 4.91 15.59 -37.08
N ALA SA 3 5.94 15.55 -36.23
CA ALA SA 3 7.12 14.71 -36.49
C ALA SA 3 6.76 13.25 -36.54
N LEU SA 4 5.74 12.84 -35.78
CA LEU SA 4 5.21 11.48 -35.84
C LEU SA 4 4.81 11.10 -37.26
N GLU SA 5 4.19 12.02 -38.01
CA GLU SA 5 3.83 11.70 -39.38
C GLU SA 5 5.06 11.58 -40.27
N ARG SA 6 6.14 12.31 -39.94
CA ARG SA 6 7.38 12.04 -40.66
C ARG SA 6 7.96 10.72 -40.24
N LEU SA 7 7.66 10.25 -39.03
CA LEU SA 7 7.99 8.88 -38.69
C LEU SA 7 6.94 7.90 -39.17
N ALA SA 8 5.85 8.37 -39.74
CA ALA SA 8 4.91 7.44 -40.36
C ALA SA 8 5.44 6.92 -41.67
N ALA SA 9 6.17 7.73 -42.43
CA ALA SA 9 6.69 7.33 -43.73
C ALA SA 9 8.19 7.10 -43.71
N ASP SA 10 8.77 6.90 -42.53
CA ASP SA 10 10.15 6.46 -42.44
C ASP SA 10 10.24 5.08 -43.08
N PRO SA 11 11.18 4.84 -43.99
CA PRO SA 11 11.25 3.54 -44.67
C PRO SA 11 11.70 2.38 -43.83
N ASP SA 12 11.77 2.50 -42.51
CA ASP SA 12 12.25 1.43 -41.68
C ASP SA 12 11.09 0.65 -41.06
N ARG SA 13 11.35 -0.62 -40.77
CA ARG SA 13 10.34 -1.47 -40.16
C ARG SA 13 10.12 -1.10 -38.70
N GLU SA 14 11.19 -1.16 -37.90
CA GLU SA 14 11.08 -1.06 -36.45
C GLU SA 14 10.62 0.32 -36.04
N VAL SA 15 10.96 1.34 -36.84
CA VAL SA 15 10.47 2.69 -36.61
C VAL SA 15 8.97 2.72 -36.70
N ARG SA 16 8.41 2.24 -37.80
CA ARG SA 16 6.97 2.30 -37.96
C ARG SA 16 6.26 1.35 -37.01
N ALA SA 17 6.94 0.29 -36.57
CA ALA SA 17 6.34 -0.60 -35.57
C ALA SA 17 6.21 0.10 -34.23
N ALA SA 18 7.24 0.82 -33.80
CA ALA SA 18 7.08 1.61 -32.59
C ALA SA 18 6.14 2.78 -32.78
N VAL SA 19 6.04 3.30 -34.01
CA VAL SA 19 5.05 4.32 -34.33
C VAL SA 19 3.66 3.79 -34.08
N ALA SA 20 3.33 2.63 -34.65
CA ALA SA 20 2.03 2.03 -34.43
C ALA SA 20 1.84 1.58 -32.98
N ARG SA 21 2.92 1.32 -32.26
CA ARG SA 21 2.78 1.16 -30.82
C ARG SA 21 2.30 2.45 -30.17
N ARG SA 22 2.78 3.61 -30.60
CA ARG SA 22 2.29 4.86 -30.04
C ARG SA 22 1.35 5.64 -30.94
N LEU SA 23 0.84 5.04 -32.02
CA LEU SA 23 0.00 5.70 -33.04
C LEU SA 23 0.61 6.94 -33.65
N PRO TA 1 -29.53 -8.23 38.09
CA PRO TA 1 -29.97 -9.62 38.22
C PRO TA 1 -28.83 -10.61 38.17
N GLU TA 2 -29.17 -11.86 37.85
CA GLU TA 2 -28.17 -12.90 37.66
C GLU TA 2 -27.71 -13.01 36.22
N ALA TA 3 -28.38 -12.31 35.30
CA ALA TA 3 -28.08 -12.41 33.88
C ALA TA 3 -26.67 -11.94 33.57
N LEU TA 4 -26.17 -10.99 34.35
CA LEU TA 4 -24.78 -10.55 34.27
C LEU TA 4 -23.81 -11.72 34.40
N GLU TA 5 -24.08 -12.64 35.32
CA GLU TA 5 -23.20 -13.79 35.46
C GLU TA 5 -23.30 -14.71 34.26
N ARG TA 6 -24.45 -14.78 33.61
CA ARG TA 6 -24.50 -15.49 32.34
C ARG TA 6 -23.76 -14.73 31.26
N LEU TA 7 -23.66 -13.41 31.40
CA LEU TA 7 -22.76 -12.68 30.53
C LEU TA 7 -21.33 -12.70 31.04
N ALA TA 8 -21.09 -13.27 32.21
CA ALA TA 8 -19.71 -13.45 32.64
C ALA TA 8 -19.02 -14.57 31.88
N ALA TA 9 -19.75 -15.62 31.55
CA ALA TA 9 -19.18 -16.77 30.85
C ALA TA 9 -19.62 -16.84 29.40
N ASP TA 10 -20.09 -15.74 28.83
CA ASP TA 10 -20.31 -15.66 27.40
C ASP TA 10 -18.97 -15.81 26.70
N PRO TA 11 -18.85 -16.70 25.72
CA PRO TA 11 -17.53 -16.93 25.09
C PRO TA 11 -17.02 -15.80 24.22
N ASP TA 12 -17.60 -14.62 24.26
CA ASP TA 12 -17.18 -13.53 23.41
C ASP TA 12 -16.25 -12.59 24.15
N ARG TA 13 -15.37 -11.92 23.39
CA ARG TA 13 -14.45 -10.96 23.97
C ARG TA 13 -15.18 -9.69 24.37
N GLU TA 14 -15.83 -9.03 23.42
CA GLU TA 14 -16.37 -7.69 23.62
C GLU TA 14 -17.50 -7.70 24.64
N VAL TA 15 -18.21 -8.82 24.72
CA VAL TA 15 -19.24 -8.99 25.74
C VAL TA 15 -18.62 -8.92 27.12
N ARG TA 16 -17.60 -9.74 27.38
CA ARG TA 16 -17.01 -9.75 28.70
C ARG TA 16 -16.24 -8.47 28.98
N ALA TA 17 -15.77 -7.78 27.93
CA ALA TA 17 -15.12 -6.50 28.14
C ALA TA 17 -16.10 -5.44 28.61
N ALA TA 18 -17.29 -5.39 28.00
CA ALA TA 18 -18.30 -4.48 28.52
C ALA TA 18 -18.84 -4.95 29.87
N VAL TA 19 -18.81 -6.26 30.12
CA VAL TA 19 -19.17 -6.79 31.43
C VAL TA 19 -18.24 -6.22 32.48
N ALA TA 20 -16.93 -6.35 32.26
CA ALA TA 20 -15.96 -5.79 33.20
C ALA TA 20 -15.99 -4.28 33.23
N ARG TA 21 -16.46 -3.63 32.18
CA ARG TA 21 -16.76 -2.21 32.29
C ARG TA 21 -17.87 -1.95 33.30
N ARG TA 22 -18.90 -2.80 33.34
CA ARG TA 22 -19.95 -2.63 34.33
C ARG TA 22 -19.92 -3.62 35.48
N LEU TA 23 -18.83 -4.38 35.65
CA LEU TA 23 -18.71 -5.46 36.63
C LEU TA 23 -19.80 -6.51 36.59
N PRO UA 1 -5.76 9.59 -34.91
CA PRO UA 1 -5.98 10.25 -36.20
C PRO UA 1 -6.31 9.28 -37.31
N GLU UA 2 -6.09 9.72 -38.54
CA GLU UA 2 -6.27 8.87 -39.70
C GLU UA 2 -5.00 8.16 -40.10
N ALA UA 3 -3.86 8.50 -39.48
CA ALA UA 3 -2.57 7.94 -39.85
C ALA UA 3 -2.52 6.45 -39.60
N LEU UA 4 -3.27 5.98 -38.59
CA LEU UA 4 -3.42 4.55 -38.34
C LEU UA 4 -3.93 3.81 -39.56
N GLU UA 5 -4.87 4.40 -40.29
CA GLU UA 5 -5.36 3.73 -41.50
C GLU UA 5 -4.31 3.73 -42.58
N ARG UA 6 -3.43 4.73 -42.62
CA ARG UA 6 -2.28 4.62 -43.51
C ARG UA 6 -1.31 3.57 -43.03
N LEU UA 7 -1.29 3.30 -41.72
CA LEU UA 7 -0.55 2.14 -41.25
C LEU UA 7 -1.37 0.87 -41.35
N ALA UA 8 -2.63 0.95 -41.75
CA ALA UA 8 -3.37 -0.27 -42.01
C ALA UA 8 -2.94 -0.92 -43.30
N ALA UA 9 -2.58 -0.13 -44.31
CA ALA UA 9 -2.19 -0.66 -45.62
C ALA UA 9 -0.70 -0.52 -45.86
N ASP UA 10 0.10 -0.34 -44.82
CA ASP UA 10 1.54 -0.42 -44.95
C ASP UA 10 1.88 -1.84 -45.36
N PRO UA 11 2.70 -2.04 -46.41
CA PRO UA 11 2.99 -3.40 -46.87
C PRO UA 11 3.86 -4.23 -45.97
N ASP UA 12 4.11 -3.83 -44.74
CA ASP UA 12 4.97 -4.58 -43.85
C ASP UA 12 4.18 -5.46 -42.91
N ARG UA 13 4.80 -6.56 -42.49
CA ARG UA 13 4.17 -7.47 -41.54
C ARG UA 13 4.11 -6.88 -40.15
N GLU UA 14 5.27 -6.53 -39.60
CA GLU UA 14 5.35 -6.18 -38.19
C GLU UA 14 4.62 -4.87 -37.90
N VAL UA 15 4.55 -4.00 -38.91
CA VAL UA 15 3.78 -2.78 -38.79
C VAL UA 15 2.31 -3.10 -38.57
N ARG UA 16 1.74 -3.91 -39.45
CA ARG UA 16 0.32 -4.22 -39.32
C ARG UA 16 0.05 -5.09 -38.11
N ALA UA 17 1.04 -5.85 -37.65
CA ALA UA 17 0.87 -6.64 -36.44
C ALA UA 17 0.77 -5.74 -35.21
N ALA UA 18 1.63 -4.72 -35.12
CA ALA UA 18 1.47 -3.77 -34.03
C ALA UA 18 0.23 -2.91 -34.22
N VAL UA 19 -0.19 -2.68 -35.47
CA VAL UA 19 -1.45 -2.00 -35.73
C VAL UA 19 -2.60 -2.77 -35.12
N ALA UA 20 -2.69 -4.06 -35.42
CA ALA UA 20 -3.74 -4.89 -34.84
C ALA UA 20 -3.57 -5.08 -33.34
N ARG UA 21 -2.36 -4.93 -32.83
CA ARG UA 21 -2.22 -4.82 -31.39
C ARG UA 21 -2.92 -3.59 -30.84
N ARG UA 22 -2.82 -2.45 -31.55
CA ARG UA 22 -3.53 -1.26 -31.10
C ARG UA 22 -4.78 -0.91 -31.90
N LEU UA 23 -5.28 -1.82 -32.74
CA LEU UA 23 -6.41 -1.59 -33.66
C LEU UA 23 -6.26 -0.38 -34.57
N PRO VA 1 -38.40 -5.23 31.17
CA PRO VA 1 -39.17 -6.45 30.92
C PRO VA 1 -38.31 -7.68 30.84
N GLU VA 2 -38.85 -8.72 30.22
CA GLU VA 2 -38.11 -9.94 29.96
C GLU VA 2 -37.41 -9.93 28.61
N ALA VA 3 -37.68 -8.92 27.78
CA ALA VA 3 -37.13 -8.86 26.43
C ALA VA 3 -35.61 -8.75 26.45
N LEU VA 4 -35.08 -8.11 27.49
CA LEU VA 4 -33.64 -8.05 27.72
C LEU VA 4 -33.02 -9.44 27.75
N GLU VA 5 -33.68 -10.40 28.39
CA GLU VA 5 -33.14 -11.75 28.40
C GLU VA 5 -33.21 -12.40 27.04
N ARG VA 6 -34.19 -12.04 26.21
CA ARG VA 6 -34.14 -12.49 24.83
C ARG VA 6 -33.04 -11.78 24.07
N LEU VA 7 -32.66 -10.58 24.50
CA LEU VA 7 -31.45 -9.99 23.96
C LEU VA 7 -30.20 -10.48 24.67
N ALA VA 8 -30.34 -11.29 25.72
CA ALA VA 8 -29.16 -11.90 26.31
C ALA VA 8 -28.63 -13.01 25.44
N ALA VA 9 -29.49 -13.77 24.77
CA ALA VA 9 -29.07 -14.88 23.94
C ALA VA 9 -29.20 -14.58 22.46
N ASP VA 10 -29.28 -13.32 22.08
CA ASP VA 10 -29.18 -12.94 20.69
C ASP VA 10 -27.79 -13.33 20.19
N PRO VA 11 -27.68 -14.04 19.07
CA PRO VA 11 -26.37 -14.50 18.61
C PRO VA 11 -25.44 -13.42 18.09
N ASP VA 12 -25.72 -12.15 18.30
CA ASP VA 12 -24.89 -11.09 17.78
C ASP VA 12 -23.93 -10.57 18.85
N ARG VA 13 -22.79 -10.05 18.39
CA ARG VA 13 -21.81 -9.48 19.31
C ARG VA 13 -22.29 -8.15 19.85
N GLU VA 14 -22.55 -7.19 18.97
CA GLU VA 14 -22.79 -5.82 19.38
C GLU VA 14 -24.07 -5.69 20.18
N VAL VA 15 -25.04 -6.57 19.91
CA VAL VA 15 -26.26 -6.63 20.70
C VAL VA 15 -25.94 -6.96 22.14
N ARG VA 16 -25.22 -8.05 22.37
CA ARG VA 16 -24.92 -8.45 23.73
C ARG VA 16 -23.96 -7.49 24.39
N ALA VA 17 -23.14 -6.79 23.61
CA ALA VA 17 -22.25 -5.78 24.18
C ALA VA 17 -23.04 -4.60 24.72
N ALA VA 18 -24.03 -4.13 23.96
CA ALA VA 18 -24.88 -3.09 24.50
C ALA VA 18 -25.78 -3.61 25.61
N VAL VA 19 -26.13 -4.90 25.58
CA VAL VA 19 -26.85 -5.51 26.68
C VAL VA 19 -26.04 -5.43 27.96
N ALA VA 20 -24.79 -5.85 27.92
CA ALA VA 20 -23.93 -5.75 29.09
C ALA VA 20 -23.61 -4.32 29.45
N ARG VA 21 -23.69 -3.39 28.50
CA ARG VA 21 -23.67 -1.99 28.87
C ARG VA 21 -24.86 -1.62 29.72
N ARG VA 22 -26.05 -2.14 29.42
CA ARG VA 22 -27.21 -1.87 30.25
C ARG VA 22 -27.65 -3.01 31.14
N LEU VA 23 -26.83 -4.05 31.30
CA LEU VA 23 -27.17 -5.28 32.05
C LEU VA 23 -28.44 -5.96 31.60
N PRO WA 1 -13.12 0.41 -34.54
CA PRO WA 1 -13.72 0.77 -35.82
C PRO WA 1 -13.98 -0.43 -36.70
N GLU WA 2 -14.10 -0.16 -37.99
CA GLU WA 2 -14.25 -1.23 -38.98
C GLU WA 2 -12.92 -1.68 -39.55
N ALA WA 3 -11.83 -0.98 -39.23
CA ALA WA 3 -10.52 -1.29 -39.79
C ALA WA 3 -10.04 -2.66 -39.37
N LEU WA 4 -10.45 -3.11 -38.17
CA LEU WA 4 -10.19 -4.47 -37.72
C LEU WA 4 -10.69 -5.50 -38.71
N GLU WA 5 -11.87 -5.29 -39.29
CA GLU WA 5 -12.36 -6.25 -40.26
C GLU WA 5 -11.55 -6.20 -41.55
N ARG WA 6 -10.98 -5.04 -41.89
CA ARG WA 6 -10.03 -5.05 -43.00
C ARG WA 6 -8.73 -5.74 -42.59
N LEU WA 7 -8.42 -5.76 -41.30
CA LEU WA 7 -7.34 -6.61 -40.85
C LEU WA 7 -7.80 -8.03 -40.61
N ALA WA 8 -9.09 -8.32 -40.74
CA ALA WA 8 -9.52 -9.70 -40.68
C ALA WA 8 -9.17 -10.46 -41.95
N ALA WA 9 -9.22 -9.79 -43.10
CA ALA WA 9 -8.93 -10.43 -44.38
C ALA WA 9 -7.59 -10.01 -44.95
N ASP WA 10 -6.71 -9.47 -44.13
CA ASP WA 10 -5.33 -9.24 -44.55
C ASP WA 10 -4.71 -10.58 -44.85
N PRO WA 11 -4.07 -10.77 -46.02
CA PRO WA 11 -3.52 -12.08 -46.37
C PRO WA 11 -2.31 -12.53 -45.56
N ASP WA 12 -1.96 -11.87 -44.47
CA ASP WA 12 -0.79 -12.23 -43.71
C ASP WA 12 -1.16 -13.10 -42.51
N ARG WA 13 -0.20 -13.93 -42.10
CA ARG WA 13 -0.40 -14.79 -40.93
C ARG WA 13 -0.38 -13.98 -39.65
N GLU WA 14 0.73 -13.29 -39.39
CA GLU WA 14 0.97 -12.67 -38.09
C GLU WA 14 -0.01 -11.55 -37.83
N VAL WA 15 -0.48 -10.90 -38.89
CA VAL WA 15 -1.53 -9.90 -38.77
C VAL WA 15 -2.79 -10.51 -38.21
N ARG WA 16 -3.28 -11.56 -38.84
CA ARG WA 16 -4.52 -12.16 -38.37
C ARG WA 16 -4.33 -12.85 -37.03
N ALA WA 17 -3.11 -13.27 -36.70
CA ALA WA 17 -2.86 -13.86 -35.39
C ALA WA 17 -2.97 -12.80 -34.29
N ALA WA 18 -2.41 -11.62 -34.52
CA ALA WA 18 -2.62 -10.55 -33.55
C ALA WA 18 -4.06 -10.05 -33.58
N VAL WA 19 -4.73 -10.14 -34.72
CA VAL WA 19 -6.15 -9.83 -34.79
C VAL WA 19 -6.94 -10.72 -33.86
N ALA WA 20 -6.74 -12.03 -33.97
CA ALA WA 20 -7.41 -12.97 -33.08
C ALA WA 20 -6.94 -12.85 -31.65
N ARG WA 21 -5.74 -12.33 -31.42
CA ARG WA 21 -5.38 -11.95 -30.06
C ARG WA 21 -6.28 -10.82 -29.55
N ARG WA 22 -6.61 -9.85 -30.39
CA ARG WA 22 -7.51 -8.79 -29.96
C ARG WA 22 -8.92 -8.88 -30.51
N LEU WA 23 -9.31 -10.01 -31.10
CA LEU WA 23 -10.60 -10.21 -31.79
C LEU WA 23 -10.93 -9.18 -32.85
N PRO XA 1 -44.79 1.08 23.50
CA PRO XA 1 -45.75 0.14 22.92
C PRO XA 1 -45.18 -1.25 22.77
N GLU XA 2 -45.78 -2.04 21.89
CA GLU XA 2 -45.29 -3.36 21.56
C GLU XA 2 -44.34 -3.35 20.38
N ALA XA 3 -44.21 -2.21 19.69
CA ALA XA 3 -43.38 -2.12 18.49
C ALA XA 3 -41.92 -2.39 18.80
N LEU XA 4 -41.48 -2.04 20.01
CA LEU XA 4 -40.14 -2.37 20.49
C LEU XA 4 -39.86 -3.86 20.38
N GLU XA 5 -40.84 -4.70 20.72
CA GLU XA 5 -40.62 -6.13 20.61
C GLU XA 5 -40.54 -6.57 19.15
N ARG XA 6 -41.22 -5.87 18.25
CA ARG XA 6 -40.98 -6.14 16.84
C ARG XA 6 -39.62 -5.64 16.41
N LEU XA 7 -39.09 -4.63 17.11
CA LEU XA 7 -37.70 -4.29 16.90
C LEU XA 7 -36.76 -5.17 17.72
N ALA XA 8 -37.30 -6.04 18.57
CA ALA XA 8 -36.42 -6.99 19.24
C ALA XA 8 -35.97 -8.09 18.30
N ALA XA 9 -36.82 -8.50 17.37
CA ALA XA 9 -36.49 -9.57 16.45
C ALA XA 9 -36.23 -9.07 15.03
N ASP XA 10 -35.95 -7.79 14.88
CA ASP XA 10 -35.49 -7.27 13.61
C ASP XA 10 -34.15 -7.93 13.30
N PRO XA 11 -33.95 -8.49 12.11
CA PRO XA 11 -32.71 -9.20 11.82
C PRO XA 11 -31.47 -8.33 11.66
N ASP XA 12 -31.52 -7.07 12.04
CA ASP XA 12 -30.38 -6.19 11.85
C ASP XA 12 -29.58 -6.06 13.15
N ARG XA 13 -28.28 -5.79 12.99
CA ARG XA 13 -27.42 -5.59 14.15
C ARG XA 13 -27.69 -4.27 14.84
N GLU XA 14 -27.56 -3.17 14.09
CA GLU XA 14 -27.57 -1.84 14.69
C GLU XA 14 -28.93 -1.51 15.26
N VAL XA 15 -29.98 -2.08 14.68
CA VAL XA 15 -31.32 -1.93 15.23
C VAL XA 15 -31.40 -2.51 16.61
N ARG XA 16 -30.99 -3.77 16.77
CA ARG XA 16 -31.09 -4.40 18.08
C ARG XA 16 -30.09 -3.80 19.05
N ALA XA 17 -29.00 -3.23 18.57
CA ALA XA 17 -28.06 -2.55 19.45
C ALA XA 17 -28.66 -1.29 20.02
N ALA XA 18 -29.34 -0.49 19.20
CA ALA XA 18 -30.04 0.64 19.76
C ALA XA 18 -31.25 0.22 20.59
N VAL XA 19 -31.85 -0.93 20.27
CA VAL XA 19 -32.90 -1.48 21.11
C VAL XA 19 -32.39 -1.75 22.50
N ALA XA 20 -31.27 -2.47 22.61
CA ALA XA 20 -30.68 -2.73 23.91
C ALA XA 20 -30.13 -1.47 24.56
N ARG XA 21 -29.81 -0.45 23.78
CA ARG XA 21 -29.56 0.85 24.40
C ARG XA 21 -30.81 1.39 25.08
N ARG XA 22 -31.99 1.22 24.49
CA ARG XA 22 -33.21 1.67 25.14
C ARG XA 22 -34.06 0.56 25.73
N LEU XA 23 -33.54 -0.66 25.85
CA LEU XA 23 -34.29 -1.85 26.30
C LEU XA 23 -35.56 -2.15 25.52
N PRO YA 1 -17.65 -9.97 -31.58
CA PRO YA 1 -18.53 -10.01 -32.75
C PRO YA 1 -18.61 -11.39 -33.37
N GLU YA 2 -18.99 -11.43 -34.63
CA GLU YA 2 -19.02 -12.66 -35.40
C GLU YA 2 -17.73 -12.91 -36.15
N ALA YA 3 -16.83 -11.92 -36.17
CA ALA YA 3 -15.59 -12.02 -36.94
C ALA YA 3 -14.70 -13.14 -36.43
N LEU YA 4 -14.78 -13.42 -35.13
CA LEU YA 4 -14.09 -14.56 -34.53
C LEU YA 4 -14.46 -15.87 -35.24
N GLU YA 5 -15.73 -16.04 -35.58
CA GLU YA 5 -16.10 -17.26 -36.28
C GLU YA 5 -15.55 -17.28 -37.70
N ARG YA 6 -15.37 -16.12 -38.31
CA ARG YA 6 -14.65 -16.12 -39.58
C ARG YA 6 -13.18 -16.40 -39.36
N LEU YA 7 -12.66 -16.09 -38.18
CA LEU YA 7 -11.33 -16.56 -37.84
C LEU YA 7 -11.36 -17.99 -37.31
N ALA YA 8 -12.52 -18.57 -37.12
CA ALA YA 8 -12.56 -19.98 -36.77
C ALA YA 8 -12.24 -20.87 -37.95
N ALA YA 9 -12.64 -20.47 -39.15
CA ALA YA 9 -12.41 -21.27 -40.35
C ALA YA 9 -11.35 -20.66 -41.25
N ASP YA 10 -10.51 -19.79 -40.71
CA ASP YA 10 -9.34 -19.33 -41.44
C ASP YA 10 -8.43 -20.53 -41.66
N PRO YA 11 -7.97 -20.78 -42.88
CA PRO YA 11 -7.16 -21.97 -43.14
C PRO YA 11 -5.76 -21.96 -42.56
N ASP YA 12 -5.43 -21.04 -41.68
CA ASP YA 12 -4.09 -20.97 -41.12
C ASP YA 12 -4.01 -21.64 -39.76
N ARG YA 13 -2.81 -22.13 -39.44
CA ARG YA 13 -2.59 -22.77 -38.15
C ARG YA 13 -2.57 -21.75 -37.03
N GLU YA 14 -1.66 -20.78 -37.12
CA GLU YA 14 -1.39 -19.88 -36.00
C GLU YA 14 -2.57 -18.98 -35.71
N VAL YA 15 -3.36 -18.68 -36.74
CA VAL YA 15 -4.60 -17.94 -36.55
C VAL YA 15 -5.54 -18.70 -35.65
N ARG YA 16 -5.83 -19.95 -36.00
CA ARG YA 16 -6.78 -20.71 -35.20
C ARG YA 16 -6.20 -21.06 -33.83
N ALA YA 17 -4.87 -21.12 -33.71
CA ALA YA 17 -4.26 -21.35 -32.41
C ALA YA 17 -4.47 -20.16 -31.49
N ALA YA 18 -4.28 -18.95 -32.00
CA ALA YA 18 -4.61 -17.79 -31.18
C ALA YA 18 -6.11 -17.64 -30.97
N VAL YA 19 -6.92 -18.12 -31.93
CA VAL YA 19 -8.36 -18.15 -31.74
C VAL YA 19 -8.71 -19.01 -30.55
N ALA YA 20 -8.20 -20.23 -30.49
CA ALA YA 20 -8.45 -21.11 -29.37
C ALA YA 20 -7.79 -20.60 -28.09
N ARG YA 21 -6.75 -19.79 -28.20
CA ARG YA 21 -6.30 -19.07 -27.02
C ARG YA 21 -7.35 -18.11 -26.51
N ARG YA 22 -8.07 -17.42 -27.39
CA ARG YA 22 -9.14 -16.54 -26.95
C ARG YA 22 -10.54 -17.06 -27.17
N LEU YA 23 -10.71 -18.34 -27.49
CA LEU YA 23 -12.00 -18.96 -27.86
C LEU YA 23 -12.75 -18.26 -28.97
N PRO ZA 1 -47.74 10.07 16.65
CA PRO ZA 1 -48.76 9.51 15.77
C PRO ZA 1 -48.52 8.05 15.43
N GLU ZA 2 -49.12 7.60 14.34
CA GLU ZA 2 -48.90 6.25 13.85
C GLU ZA 2 -47.77 6.17 12.84
N ALA ZA 3 -47.23 7.33 12.42
CA ALA ZA 3 -46.20 7.37 11.39
C ALA ZA 3 -44.93 6.69 11.84
N LEU ZA 4 -44.66 6.73 13.16
CA LEU ZA 4 -43.56 5.98 13.75
C LEU ZA 4 -43.62 4.50 13.41
N GLU ZA 5 -44.82 3.91 13.44
CA GLU ZA 5 -44.93 2.50 13.08
C GLU ZA 5 -44.67 2.29 11.60
N ARG ZA 6 -44.99 3.27 10.76
CA ARG ZA 6 -44.56 3.15 9.37
C ARG ZA 6 -43.06 3.33 9.25
N LEU ZA 7 -42.44 4.04 10.20
CA LEU ZA 7 -40.99 4.02 10.27
C LEU ZA 7 -40.47 2.82 11.02
N ALA ZA 8 -41.34 2.01 11.61
CA ALA ZA 8 -40.87 0.77 12.21
C ALA ZA 8 -40.52 -0.26 11.15
N ALA ZA 9 -41.26 -0.29 10.04
CA ALA ZA 9 -41.01 -1.27 8.98
C ALA ZA 9 -40.38 -0.64 7.75
N ASP ZA 10 -39.78 0.53 7.89
CA ASP ZA 10 -38.97 1.08 6.83
C ASP ZA 10 -37.79 0.14 6.59
N PRO ZA 11 -37.52 -0.27 5.36
CA PRO ZA 11 -36.44 -1.24 5.12
C PRO ZA 11 -35.03 -0.72 5.31
N ASP ZA 12 -34.84 0.45 5.91
CA ASP ZA 12 -33.51 1.00 6.08
C ASP ZA 12 -32.97 0.72 7.48
N ARG ZA 13 -31.64 0.65 7.56
CA ARG ZA 13 -30.99 0.44 8.84
C ARG ZA 13 -31.07 1.67 9.73
N GLU ZA 14 -30.54 2.79 9.24
CA GLU ZA 14 -30.35 3.96 10.07
C GLU ZA 14 -31.67 4.57 10.50
N VAL ZA 15 -32.71 4.39 9.66
CA VAL ZA 15 -34.06 4.81 10.02
C VAL ZA 15 -34.52 4.07 11.25
N ARG ZA 16 -34.47 2.75 11.21
CA ARG ZA 16 -34.95 1.98 12.35
C ARG ZA 16 -34.05 2.13 13.56
N ALA ZA 17 -32.78 2.46 13.35
CA ALA ZA 17 -31.89 2.73 14.48
C ALA ZA 17 -32.28 4.00 15.20
N ALA ZA 18 -32.57 5.07 14.45
CA ALA ZA 18 -33.08 6.26 15.10
C ALA ZA 18 -34.49 6.06 15.65
N VAL ZA 19 -35.27 5.16 15.03
CA VAL ZA 19 -36.57 4.80 15.58
C VAL ZA 19 -36.41 4.20 16.96
N ALA ZA 20 -35.53 3.20 17.09
CA ALA ZA 20 -35.28 2.60 18.39
C ALA ZA 20 -34.60 3.56 19.35
N ARG ZA 21 -33.89 4.56 18.83
CA ARG ZA 21 -33.46 5.63 19.71
C ARG ZA 21 -34.64 6.39 20.30
N ARG ZA 22 -35.69 6.62 19.51
CA ARG ZA 22 -36.88 7.28 20.06
C ARG ZA 22 -38.07 6.37 20.29
N LEU ZA 23 -37.89 5.05 20.25
CA LEU ZA 23 -38.97 4.04 20.35
C LEU ZA 23 -40.10 4.22 19.36
#